data_5IXQ
#
_entry.id   5IXQ
#
_cell.length_a   148.282
_cell.length_b   148.282
_cell.length_c   57.930
_cell.angle_alpha   90.00
_cell.angle_beta   90.00
_cell.angle_gamma   120.00
#
_symmetry.space_group_name_H-M   'P 31 2 1'
#
loop_
_entity.id
_entity.type
_entity.pdbx_description
1 polymer 'Receptor-like protein kinase 5'
2 polymer 'Protein IDA'
3 branched 2-acetamido-2-deoxy-beta-D-glucopyranose-(1-4)-2-acetamido-2-deoxy-beta-D-glucopyranose
4 branched alpha-D-mannopyranose-(1-3)-beta-D-mannopyranose-(1-4)-2-acetamido-2-deoxy-beta-D-glucopyranose-(1-4)-2-acetamido-2-deoxy-beta-D-glucopyranose
5 non-polymer 2-acetamido-2-deoxy-beta-D-glucopyranose
6 non-polymer 'MAGNESIUM ION'
7 non-polymer 1,2-ETHANEDIOL
8 water water
#
loop_
_entity_poly.entity_id
_entity_poly.type
_entity_poly.pdbx_seq_one_letter_code
_entity_poly.pdbx_strand_id
1 'polypeptide(L)'
;GSSMGSLNQDATILRQAKLGLSDPAQSLSSWSDNNDVTPCKWLGVSCDATSNVVSVDLSSFMLVGPFPSILCHLPSLHSL
SLYNNSINGSLSADDFDTCHNLISLDLSENLLVGSIPKSLPFNLPNLKFLEISGNNLSDTIPSSFGEFRKLESLNLAGNF
LSGTIPASLGNVTTLKELKLAYNLFSPSQIPSQLGNLTELQVLWLAGCNLVGPIPPSLSRLTSLVNLDLTFNQLTGSIPS
WITQLKTVEQIELFNNSFSGELPESMGNMTTLKRFDASMNKLTGKIPDNLNLLNLESLNLFENMLEGPLPESITRSKTLS
ELKLFNNRLTGVLPSQLGANSPLQYVDLSYNRFSGEIPANVCGEGKLEYLILIDNSFSGEISNNLGKCKSLTRVRLSNNK
LSGQIPHGFWGLPRLSLLELSDNSFTGSIPKTIIGAKNLSNLRISKNRFSGSIPNEIGSLNGIIEISGAENDFSGEIPES
LVKLKQLSRLDLSKNQLSGEIPRELRGWKNLNELNLANNHLSGEIPKEVGILPVLNYLDLSSNQFSGEIPLELQNLKLNV
LNLSYNHLSGKIPPLYANKIYAHDFIGNPGLCVDLDGLCRKITRSKLEGSENLYFQ
;
A
2 'polypeptide(L)' PIPPSA(HYP)SKRHN B
#
loop_
_chem_comp.id
_chem_comp.type
_chem_comp.name
_chem_comp.formula
BMA D-saccharide, beta linking beta-D-mannopyranose 'C6 H12 O6'
EDO non-polymer 1,2-ETHANEDIOL 'C2 H6 O2'
MAN D-saccharide, alpha linking alpha-D-mannopyranose 'C6 H12 O6'
MG non-polymer 'MAGNESIUM ION' 'Mg 2'
NAG D-saccharide, beta linking 2-acetamido-2-deoxy-beta-D-glucopyranose 'C8 H15 N O6'
#
# COMPACT_ATOMS: atom_id res chain seq x y z
N MET A 4 30.30 -45.26 -9.52
CA MET A 4 31.51 -45.00 -8.68
C MET A 4 32.37 -43.90 -9.29
N GLY A 5 32.71 -44.05 -10.57
CA GLY A 5 33.49 -43.03 -11.32
C GLY A 5 32.80 -41.68 -11.43
N SER A 6 31.51 -41.70 -11.73
CA SER A 6 30.72 -40.48 -11.76
C SER A 6 30.57 -39.86 -10.36
N LEU A 7 30.39 -40.70 -9.31
CA LEU A 7 30.29 -40.16 -7.94
C LEU A 7 31.58 -39.42 -7.52
N ASN A 8 32.73 -40.02 -7.85
CA ASN A 8 34.03 -39.36 -7.65
C ASN A 8 34.16 -38.03 -8.40
N GLN A 9 33.93 -38.06 -9.71
CA GLN A 9 33.98 -36.84 -10.53
C GLN A 9 33.13 -35.75 -9.90
N ASP A 10 31.86 -36.08 -9.71
CA ASP A 10 30.86 -35.13 -9.15
C ASP A 10 31.38 -34.49 -7.86
N ALA A 11 31.79 -35.35 -6.89
CA ALA A 11 32.21 -34.90 -5.56
C ALA A 11 33.36 -33.95 -5.66
N THR A 12 34.31 -34.24 -6.54
CA THR A 12 35.51 -33.36 -6.64
C THR A 12 35.16 -32.00 -7.22
N ILE A 13 34.41 -31.99 -8.32
CA ILE A 13 33.99 -30.72 -8.93
C ILE A 13 33.13 -29.85 -7.98
N LEU A 14 32.16 -30.46 -7.29
CA LEU A 14 31.36 -29.76 -6.27
C LEU A 14 32.23 -29.18 -5.19
N ARG A 15 33.17 -29.96 -4.66
CA ARG A 15 34.07 -29.44 -3.61
C ARG A 15 34.96 -28.31 -4.11
N GLN A 16 35.45 -28.45 -5.35
CA GLN A 16 36.27 -27.35 -5.94
C GLN A 16 35.46 -26.07 -6.03
N ALA A 17 34.21 -26.20 -6.50
CA ALA A 17 33.34 -25.04 -6.59
C ALA A 17 33.09 -24.38 -5.24
N LYS A 18 32.78 -25.20 -4.25
CA LYS A 18 32.59 -24.73 -2.91
C LYS A 18 33.80 -24.00 -2.31
N LEU A 19 35.00 -24.47 -2.60
CA LEU A 19 36.22 -23.80 -2.15
C LEU A 19 36.35 -22.33 -2.67
N GLY A 20 35.68 -22.02 -3.80
CA GLY A 20 35.69 -20.69 -4.36
C GLY A 20 34.66 -19.74 -3.76
N LEU A 21 33.91 -20.20 -2.75
CA LEU A 21 32.84 -19.47 -2.12
C LEU A 21 33.07 -19.41 -0.64
N SER A 22 32.54 -18.36 -0.03
CA SER A 22 32.46 -18.28 1.42
C SER A 22 31.04 -18.74 1.84
N ASP A 23 30.95 -19.54 2.92
CA ASP A 23 29.71 -20.15 3.39
C ASP A 23 29.45 -19.86 4.87
N PRO A 24 29.21 -18.59 5.23
CA PRO A 24 29.14 -18.24 6.65
C PRO A 24 27.96 -18.90 7.37
N ALA A 25 26.92 -19.28 6.63
CA ALA A 25 25.75 -19.99 7.23
C ALA A 25 25.94 -21.52 7.39
N GLN A 26 27.04 -22.05 6.85
CA GLN A 26 27.35 -23.50 6.82
C GLN A 26 26.30 -24.30 6.07
N SER A 27 25.75 -23.66 5.04
CA SER A 27 24.75 -24.29 4.17
C SER A 27 25.28 -25.50 3.44
N LEU A 28 26.59 -25.54 3.16
CA LEU A 28 27.17 -26.65 2.43
C LEU A 28 27.97 -27.59 3.35
N SER A 29 27.60 -27.69 4.62
CA SER A 29 28.20 -28.66 5.52
C SER A 29 28.14 -30.11 5.02
N SER A 30 27.09 -30.49 4.28
CA SER A 30 26.97 -31.86 3.74
C SER A 30 27.97 -32.17 2.60
N TRP A 31 28.52 -31.13 2.00
CA TRP A 31 29.52 -31.28 0.94
C TRP A 31 30.92 -31.55 1.54
N SER A 32 31.14 -31.14 2.79
CA SER A 32 32.39 -31.47 3.53
C SER A 32 32.41 -32.99 3.72
N ASP A 36 30.98 -38.94 4.48
CA ASP A 36 30.68 -40.35 4.19
C ASP A 36 29.79 -40.57 2.95
N VAL A 37 28.85 -39.65 2.68
CA VAL A 37 27.68 -39.93 1.82
C VAL A 37 27.94 -39.62 0.32
N THR A 38 27.26 -40.34 -0.58
CA THR A 38 27.31 -40.04 -2.02
C THR A 38 26.92 -38.57 -2.27
N PRO A 39 27.61 -37.91 -3.22
CA PRO A 39 27.27 -36.55 -3.57
C PRO A 39 25.84 -36.40 -4.07
N CYS A 40 25.24 -37.45 -4.60
CA CYS A 40 23.83 -37.39 -5.01
C CYS A 40 22.87 -37.09 -3.86
N LYS A 41 23.30 -37.21 -2.61
CA LYS A 41 22.45 -36.91 -1.45
C LYS A 41 22.89 -35.68 -0.68
N TRP A 42 23.82 -34.91 -1.24
CA TRP A 42 24.23 -33.68 -0.66
C TRP A 42 23.11 -32.64 -0.86
N LEU A 43 23.01 -31.72 0.09
CA LEU A 43 22.03 -30.63 0.03
C LEU A 43 22.18 -29.84 -1.26
N GLY A 44 21.07 -29.68 -1.99
CA GLY A 44 21.03 -28.90 -3.23
C GLY A 44 21.44 -29.65 -4.48
N VAL A 45 21.83 -30.91 -4.37
CA VAL A 45 22.41 -31.67 -5.46
C VAL A 45 21.40 -32.74 -5.94
N SER A 46 21.14 -32.79 -7.24
CA SER A 46 20.32 -33.88 -7.82
C SER A 46 21.08 -34.56 -8.94
N CYS A 47 20.95 -35.88 -8.96
CA CYS A 47 21.62 -36.69 -9.93
C CYS A 47 20.66 -37.41 -10.84
N ASP A 48 21.17 -37.82 -12.00
CA ASP A 48 20.46 -38.72 -12.89
C ASP A 48 20.70 -40.16 -12.42
N ALA A 49 20.15 -41.12 -13.15
CA ALA A 49 20.29 -42.51 -12.78
C ALA A 49 21.71 -43.08 -12.88
N THR A 50 22.58 -42.47 -13.71
CA THR A 50 24.01 -42.88 -13.77
C THR A 50 24.87 -42.19 -12.71
N SER A 51 24.24 -41.54 -11.73
CA SER A 51 24.90 -40.82 -10.63
C SER A 51 25.71 -39.58 -11.02
N ASN A 52 25.37 -38.95 -12.14
CA ASN A 52 25.97 -37.69 -12.58
C ASN A 52 25.09 -36.58 -12.10
N VAL A 53 25.72 -35.51 -11.62
CA VAL A 53 25.00 -34.32 -11.19
C VAL A 53 24.31 -33.63 -12.38
N VAL A 54 23.00 -33.44 -12.24
CA VAL A 54 22.18 -32.80 -13.27
C VAL A 54 21.70 -31.43 -12.81
N SER A 55 21.61 -31.23 -11.51
CA SER A 55 21.02 -29.99 -10.97
C SER A 55 21.72 -29.64 -9.68
N VAL A 56 22.07 -28.35 -9.56
CA VAL A 56 22.57 -27.78 -8.33
C VAL A 56 21.67 -26.57 -8.00
N ASP A 57 21.04 -26.62 -6.84
CA ASP A 57 20.12 -25.57 -6.43
C ASP A 57 20.58 -25.11 -5.06
N LEU A 58 21.21 -23.95 -5.01
CA LEU A 58 21.74 -23.39 -3.78
C LEU A 58 20.94 -22.18 -3.33
N SER A 59 19.64 -22.19 -3.61
CA SER A 59 18.78 -21.04 -3.36
C SER A 59 18.77 -20.67 -1.89
N SER A 60 19.05 -19.41 -1.58
CA SER A 60 18.88 -18.87 -0.22
C SER A 60 19.94 -19.40 0.76
N PHE A 61 21.10 -19.81 0.24
CA PHE A 61 22.15 -20.45 1.08
C PHE A 61 23.11 -19.46 1.68
N MET A 62 22.95 -18.17 1.38
CA MET A 62 23.82 -17.10 1.94
C MET A 62 25.33 -17.26 1.56
N LEU A 63 25.58 -17.78 0.39
CA LEU A 63 26.92 -17.97 -0.16
C LEU A 63 27.44 -16.64 -0.71
N VAL A 64 28.72 -16.39 -0.46
CA VAL A 64 29.40 -15.18 -0.90
C VAL A 64 30.59 -15.47 -1.83
N GLY A 65 30.65 -14.75 -2.94
CA GLY A 65 31.86 -14.80 -3.77
C GLY A 65 31.50 -14.78 -5.23
N PRO A 66 32.50 -14.97 -6.11
CA PRO A 66 32.25 -14.82 -7.53
C PRO A 66 31.44 -16.01 -8.05
N PHE A 67 30.81 -15.84 -9.20
CA PHE A 67 30.04 -16.89 -9.83
C PHE A 67 30.86 -18.18 -9.90
N PRO A 68 30.35 -19.33 -9.39
CA PRO A 68 31.19 -20.54 -9.31
C PRO A 68 31.17 -21.34 -10.62
N SER A 69 31.91 -20.82 -11.60
CA SER A 69 32.14 -21.34 -12.94
C SER A 69 32.46 -22.82 -12.95
N ILE A 70 33.20 -23.25 -11.93
CA ILE A 70 33.62 -24.64 -11.83
C ILE A 70 32.43 -25.61 -11.88
N LEU A 71 31.28 -25.23 -11.35
CA LEU A 71 30.07 -26.06 -11.42
C LEU A 71 29.73 -26.46 -12.87
N CYS A 72 30.01 -25.59 -13.83
CA CYS A 72 29.81 -25.96 -15.24
C CYS A 72 30.68 -27.06 -15.79
N HIS A 73 31.71 -27.47 -15.05
CA HIS A 73 32.60 -28.58 -15.48
CA HIS A 73 32.60 -28.53 -15.46
C HIS A 73 31.91 -29.91 -15.20
N LEU A 74 30.81 -29.91 -14.44
CA LEU A 74 29.99 -31.15 -14.25
C LEU A 74 29.35 -31.45 -15.58
N PRO A 75 29.73 -32.57 -16.23
CA PRO A 75 29.31 -32.70 -17.66
C PRO A 75 27.83 -32.88 -17.91
N SER A 76 27.06 -33.29 -16.91
CA SER A 76 25.62 -33.40 -17.09
C SER A 76 24.79 -32.32 -16.44
N LEU A 77 25.44 -31.28 -15.91
CA LEU A 77 24.75 -30.19 -15.26
C LEU A 77 23.86 -29.48 -16.25
N HIS A 78 22.55 -29.45 -15.96
CA HIS A 78 21.52 -28.79 -16.76
C HIS A 78 20.79 -27.66 -16.07
N SER A 79 20.76 -27.68 -14.74
CA SER A 79 20.07 -26.68 -13.96
C SER A 79 20.95 -26.14 -12.88
N LEU A 80 21.10 -24.82 -12.86
CA LEU A 80 21.91 -24.18 -11.83
C LEU A 80 21.14 -23.02 -11.25
N SER A 81 20.91 -23.05 -9.93
CA SER A 81 20.26 -21.92 -9.26
C SER A 81 21.09 -21.43 -8.10
N LEU A 82 21.41 -20.14 -8.16
CA LEU A 82 22.08 -19.44 -7.11
C LEU A 82 21.19 -18.31 -6.61
N TYR A 83 19.88 -18.49 -6.79
CA TYR A 83 18.89 -17.53 -6.37
C TYR A 83 19.12 -17.11 -4.90
N ASN A 84 19.17 -15.81 -4.68
CA ASN A 84 19.13 -15.23 -3.32
C ASN A 84 20.32 -15.65 -2.49
N ASN A 85 21.50 -15.26 -2.99
CA ASN A 85 22.77 -15.41 -2.28
C ASN A 85 23.52 -14.07 -2.31
N SER A 86 24.84 -14.09 -2.14
CA SER A 86 25.65 -12.91 -2.25
C SER A 86 26.75 -13.17 -3.27
N ILE A 87 26.37 -13.74 -4.41
CA ILE A 87 27.28 -13.85 -5.52
C ILE A 87 27.58 -12.44 -6.03
N ASN A 88 28.84 -12.09 -6.15
CA ASN A 88 29.21 -10.71 -6.37
C ASN A 88 30.25 -10.58 -7.46
N GLY A 89 30.76 -9.38 -7.67
CA GLY A 89 31.64 -9.09 -8.79
C GLY A 89 30.80 -8.97 -10.04
N SER A 90 31.45 -9.11 -11.18
CA SER A 90 30.71 -9.05 -12.43
C SER A 90 30.69 -10.39 -13.15
N LEU A 91 29.90 -10.44 -14.20
CA LEU A 91 29.85 -11.59 -15.09
C LEU A 91 30.88 -11.34 -16.18
N SER A 92 31.79 -12.28 -16.39
CA SER A 92 32.70 -12.24 -17.55
C SER A 92 32.23 -13.22 -18.62
N ALA A 93 32.68 -12.98 -19.86
CA ALA A 93 32.45 -13.92 -20.97
C ALA A 93 32.91 -15.31 -20.60
N ASP A 94 34.12 -15.36 -20.04
CA ASP A 94 34.78 -16.58 -19.58
C ASP A 94 33.98 -17.40 -18.58
N ASP A 95 33.29 -16.73 -17.64
CA ASP A 95 32.51 -17.41 -16.61
C ASP A 95 31.60 -18.50 -17.14
N PHE A 96 31.12 -18.28 -18.36
CA PHE A 96 30.12 -19.15 -18.98
C PHE A 96 30.61 -20.05 -20.13
N ASP A 97 31.89 -19.97 -20.46
CA ASP A 97 32.55 -20.75 -21.52
C ASP A 97 32.27 -22.21 -21.53
N THR A 98 32.14 -22.75 -20.33
CA THR A 98 31.94 -24.18 -20.14
C THR A 98 30.51 -24.55 -19.76
N CYS A 99 29.63 -23.57 -19.66
CA CYS A 99 28.26 -23.77 -19.18
C CYS A 99 27.28 -24.13 -20.30
N HIS A 100 27.78 -24.48 -21.48
CA HIS A 100 26.90 -24.66 -22.68
C HIS A 100 25.85 -25.74 -22.60
N ASN A 101 25.99 -26.69 -21.67
CA ASN A 101 24.93 -27.70 -21.45
C ASN A 101 23.73 -27.17 -20.64
N LEU A 102 23.83 -25.97 -20.04
CA LEU A 102 22.77 -25.49 -19.17
C LEU A 102 21.45 -25.25 -19.94
N ILE A 103 20.36 -25.72 -19.31
CA ILE A 103 18.98 -25.45 -19.68
C ILE A 103 18.35 -24.38 -18.81
N SER A 104 18.78 -24.29 -17.56
CA SER A 104 18.23 -23.36 -16.59
C SER A 104 19.34 -22.71 -15.78
N LEU A 105 19.30 -21.39 -15.68
CA LEU A 105 20.30 -20.61 -14.95
C LEU A 105 19.62 -19.49 -14.20
N ASP A 106 19.67 -19.55 -12.88
CA ASP A 106 18.99 -18.54 -12.04
C ASP A 106 20.03 -17.88 -11.16
N LEU A 107 20.32 -16.62 -11.47
CA LEU A 107 21.25 -15.77 -10.75
C LEU A 107 20.54 -14.59 -10.05
N SER A 108 19.23 -14.70 -9.90
CA SER A 108 18.42 -13.61 -9.35
C SER A 108 18.76 -13.35 -7.87
N GLU A 109 18.64 -12.09 -7.45
CA GLU A 109 18.80 -11.70 -6.05
C GLU A 109 20.21 -12.01 -5.54
N ASN A 110 21.20 -11.43 -6.22
CA ASN A 110 22.58 -11.49 -5.80
C ASN A 110 23.15 -10.08 -5.81
N LEU A 111 24.46 -9.94 -5.91
CA LEU A 111 25.12 -8.66 -5.84
C LEU A 111 25.93 -8.39 -7.13
N LEU A 112 25.48 -8.91 -8.26
CA LEU A 112 26.24 -8.76 -9.50
C LEU A 112 26.14 -7.32 -10.03
N VAL A 113 27.26 -6.86 -10.57
CA VAL A 113 27.43 -5.51 -11.11
C VAL A 113 27.98 -5.65 -12.54
N GLY A 114 28.13 -4.54 -13.23
CA GLY A 114 28.68 -4.54 -14.59
C GLY A 114 27.67 -5.04 -15.60
N SER A 115 28.16 -5.26 -16.82
CA SER A 115 27.31 -5.50 -17.98
C SER A 115 27.04 -6.97 -18.15
N ILE A 116 26.01 -7.26 -18.92
CA ILE A 116 25.77 -8.64 -19.32
C ILE A 116 26.75 -8.92 -20.47
N PRO A 117 27.50 -10.05 -20.39
CA PRO A 117 28.41 -10.28 -21.52
C PRO A 117 27.65 -10.50 -22.84
N LYS A 118 28.15 -9.90 -23.90
CA LYS A 118 27.54 -9.98 -25.23
C LYS A 118 27.56 -11.43 -25.75
N SER A 119 28.55 -12.21 -25.28
CA SER A 119 28.76 -13.60 -25.69
C SER A 119 27.86 -14.60 -24.98
N LEU A 120 27.02 -14.15 -24.04
CA LEU A 120 26.22 -15.05 -23.24
C LEU A 120 25.34 -16.05 -24.02
N PRO A 121 24.58 -15.57 -25.05
CA PRO A 121 23.80 -16.54 -25.85
C PRO A 121 24.61 -17.59 -26.58
N PHE A 122 25.78 -17.21 -27.09
CA PHE A 122 26.69 -18.15 -27.73
C PHE A 122 27.22 -19.21 -26.74
N ASN A 123 27.49 -18.77 -25.51
CA ASN A 123 28.02 -19.69 -24.48
C ASN A 123 26.90 -20.52 -23.85
N LEU A 124 25.66 -20.04 -23.87
CA LEU A 124 24.53 -20.72 -23.23
C LEU A 124 23.43 -20.97 -24.24
N PRO A 125 23.76 -21.65 -25.34
CA PRO A 125 22.78 -21.75 -26.45
C PRO A 125 21.59 -22.66 -26.19
N ASN A 126 21.69 -23.55 -25.20
CA ASN A 126 20.58 -24.46 -24.86
C ASN A 126 19.58 -23.95 -23.82
N LEU A 127 19.76 -22.73 -23.32
CA LEU A 127 18.95 -22.27 -22.21
C LEU A 127 17.50 -22.15 -22.62
N LYS A 128 16.65 -22.60 -21.72
CA LYS A 128 15.21 -22.39 -21.74
C LYS A 128 14.82 -21.34 -20.70
N PHE A 129 15.58 -21.20 -19.61
CA PHE A 129 15.20 -20.34 -18.53
C PHE A 129 16.40 -19.56 -18.07
N LEU A 130 16.28 -18.24 -18.14
CA LEU A 130 17.35 -17.36 -17.65
C LEU A 130 16.78 -16.27 -16.76
N GLU A 131 17.25 -16.22 -15.51
CA GLU A 131 16.89 -15.17 -14.58
C GLU A 131 18.10 -14.57 -13.95
N ILE A 132 18.17 -13.25 -14.03
CA ILE A 132 19.20 -12.49 -13.32
C ILE A 132 18.53 -11.23 -12.76
N SER A 133 17.35 -11.43 -12.20
CA SER A 133 16.54 -10.35 -11.64
C SER A 133 17.16 -9.87 -10.33
N GLY A 134 16.96 -8.60 -9.93
CA GLY A 134 17.38 -8.12 -8.58
C GLY A 134 18.87 -8.13 -8.35
N ASN A 135 19.63 -7.66 -9.34
CA ASN A 135 21.09 -7.40 -9.17
C ASN A 135 21.32 -5.92 -9.45
N ASN A 136 22.55 -5.55 -9.73
CA ASN A 136 22.96 -4.21 -10.09
C ASN A 136 23.56 -4.18 -11.52
N LEU A 137 23.01 -4.98 -12.43
CA LEU A 137 23.53 -5.02 -13.80
C LEU A 137 23.33 -3.68 -14.50
N SER A 138 24.33 -3.27 -15.27
CA SER A 138 24.30 -1.97 -15.95
C SER A 138 24.59 -2.18 -17.44
N ASP A 139 24.59 -1.10 -18.19
CA ASP A 139 24.71 -1.11 -19.65
C ASP A 139 23.43 -1.71 -20.24
N THR A 140 23.48 -2.11 -21.51
CA THR A 140 22.27 -2.42 -22.27
C THR A 140 22.05 -3.94 -22.24
N ILE A 141 20.85 -4.34 -22.60
CA ILE A 141 20.58 -5.75 -22.87
C ILE A 141 21.20 -6.05 -24.24
N PRO A 142 22.19 -6.94 -24.32
CA PRO A 142 22.87 -7.18 -25.61
C PRO A 142 21.90 -7.57 -26.71
N SER A 143 22.10 -7.01 -27.90
CA SER A 143 21.31 -7.42 -29.05
C SER A 143 21.47 -8.87 -29.44
N SER A 144 22.60 -9.45 -29.06
CA SER A 144 22.84 -10.87 -29.27
C SER A 144 21.81 -11.75 -28.61
N PHE A 145 21.06 -11.23 -27.62
CA PHE A 145 20.00 -12.02 -27.00
C PHE A 145 18.96 -12.54 -28.00
N GLY A 146 18.81 -11.86 -29.14
CA GLY A 146 17.98 -12.33 -30.24
C GLY A 146 18.41 -13.64 -30.90
N GLU A 147 19.63 -14.11 -30.62
CA GLU A 147 20.12 -15.39 -31.15
C GLU A 147 19.66 -16.63 -30.32
N PHE A 148 19.13 -16.47 -29.11
CA PHE A 148 18.66 -17.67 -28.32
C PHE A 148 17.60 -18.46 -29.11
N ARG A 149 17.84 -19.74 -29.30
CA ARG A 149 16.96 -20.58 -30.12
C ARG A 149 15.93 -21.32 -29.28
N LYS A 150 16.14 -21.44 -27.98
CA LYS A 150 15.27 -22.24 -27.14
C LYS A 150 14.67 -21.57 -25.95
N LEU A 151 15.02 -20.30 -25.74
CA LEU A 151 14.67 -19.62 -24.51
C LEU A 151 13.17 -19.42 -24.36
N GLU A 152 12.66 -19.84 -23.20
CA GLU A 152 11.27 -19.79 -22.87
C GLU A 152 10.95 -18.70 -21.86
N SER A 153 11.90 -18.35 -21.00
CA SER A 153 11.64 -17.35 -20.01
C SER A 153 12.87 -16.56 -19.76
N LEU A 154 12.70 -15.24 -19.76
CA LEU A 154 13.79 -14.29 -19.53
C LEU A 154 13.33 -13.30 -18.48
N ASN A 155 14.09 -13.21 -17.39
CA ASN A 155 13.77 -12.27 -16.34
C ASN A 155 15.01 -11.49 -15.98
N LEU A 156 15.05 -10.23 -16.39
CA LEU A 156 16.10 -9.27 -16.03
C LEU A 156 15.55 -8.11 -15.18
N ALA A 157 14.41 -8.33 -14.53
CA ALA A 157 13.71 -7.26 -13.82
C ALA A 157 14.54 -6.79 -12.63
N GLY A 158 14.46 -5.50 -12.31
CA GLY A 158 15.11 -4.98 -11.11
C GLY A 158 16.63 -4.93 -11.21
N ASN A 159 17.14 -4.25 -12.22
CA ASN A 159 18.58 -4.03 -12.36
C ASN A 159 18.75 -2.54 -12.69
N PHE A 160 19.92 -2.13 -13.18
CA PHE A 160 20.12 -0.78 -13.65
C PHE A 160 20.40 -0.77 -15.17
N LEU A 161 19.79 -1.69 -15.90
CA LEU A 161 19.99 -1.79 -17.35
C LEU A 161 19.45 -0.51 -18.00
N SER A 162 20.18 0.00 -18.98
CA SER A 162 19.79 1.23 -19.66
C SER A 162 19.79 1.01 -21.17
N GLY A 163 19.76 2.13 -21.90
CA GLY A 163 19.55 2.09 -23.34
C GLY A 163 18.08 1.82 -23.50
N THR A 164 17.72 1.07 -24.54
CA THR A 164 16.32 0.70 -24.77
C THR A 164 16.21 -0.81 -24.94
N ILE A 165 14.99 -1.31 -24.89
CA ILE A 165 14.75 -2.77 -25.00
C ILE A 165 15.09 -3.18 -26.42
N PRO A 166 15.95 -4.18 -26.62
CA PRO A 166 16.42 -4.42 -27.99
C PRO A 166 15.33 -5.05 -28.84
N ALA A 167 15.17 -4.52 -30.04
CA ALA A 167 14.17 -5.04 -31.00
C ALA A 167 14.40 -6.51 -31.34
N SER A 168 15.67 -6.94 -31.27
CA SER A 168 16.04 -8.30 -31.58
C SER A 168 15.43 -9.36 -30.64
N LEU A 169 14.94 -8.97 -29.46
CA LEU A 169 14.25 -9.91 -28.60
C LEU A 169 13.01 -10.46 -29.28
N GLY A 170 12.47 -9.75 -30.26
CA GLY A 170 11.40 -10.28 -31.10
C GLY A 170 11.71 -11.49 -31.94
N ASN A 171 12.99 -11.78 -32.14
CA ASN A 171 13.43 -12.98 -32.79
C ASN A 171 13.37 -14.24 -31.93
N VAL A 172 13.19 -14.12 -30.62
CA VAL A 172 13.29 -15.27 -29.71
C VAL A 172 11.89 -15.86 -29.58
N THR A 173 11.39 -16.45 -30.67
CA THR A 173 9.93 -16.73 -30.75
C THR A 173 9.47 -17.90 -29.88
N THR A 174 10.41 -18.59 -29.24
CA THR A 174 10.12 -19.57 -28.19
C THR A 174 9.75 -18.93 -26.83
N LEU A 175 9.90 -17.61 -26.66
CA LEU A 175 9.63 -17.00 -25.38
C LEU A 175 8.17 -17.07 -25.01
N LYS A 176 7.92 -17.52 -23.80
CA LYS A 176 6.64 -17.48 -23.13
C LYS A 176 6.55 -16.44 -22.00
N GLU A 177 7.68 -16.03 -21.44
CA GLU A 177 7.72 -14.99 -20.41
C GLU A 177 8.86 -14.01 -20.68
N LEU A 178 8.53 -12.71 -20.64
CA LEU A 178 9.50 -11.66 -20.85
C LEU A 178 9.32 -10.65 -19.72
N LYS A 179 10.27 -10.63 -18.78
CA LYS A 179 10.21 -9.78 -17.61
C LYS A 179 11.45 -8.89 -17.58
N LEU A 180 11.22 -7.60 -17.83
CA LEU A 180 12.28 -6.61 -17.89
C LEU A 180 12.00 -5.41 -16.97
N ALA A 181 11.03 -5.58 -16.08
CA ALA A 181 10.49 -4.51 -15.26
C ALA A 181 11.52 -3.86 -14.34
N TYR A 182 11.39 -2.56 -14.10
CA TYR A 182 12.19 -1.86 -13.07
C TYR A 182 13.69 -1.83 -13.43
N ASN A 183 13.97 -1.22 -14.57
CA ASN A 183 15.32 -0.93 -15.06
C ASN A 183 15.39 0.57 -15.34
N LEU A 184 16.49 1.02 -15.93
CA LEU A 184 16.77 2.44 -16.10
C LEU A 184 16.86 2.75 -17.58
N PHE A 185 15.94 2.21 -18.38
CA PHE A 185 15.97 2.44 -19.80
C PHE A 185 15.74 3.92 -20.11
N SER A 186 16.21 4.37 -21.27
CA SER A 186 15.89 5.71 -21.79
C SER A 186 14.45 5.71 -22.22
N PRO A 187 13.81 6.89 -22.31
CA PRO A 187 12.41 6.90 -22.69
C PRO A 187 12.28 6.43 -24.11
N SER A 188 11.44 5.41 -24.33
CA SER A 188 11.32 4.84 -25.66
C SER A 188 10.00 4.10 -25.76
N GLN A 189 9.64 3.74 -26.98
CA GLN A 189 8.42 2.97 -27.20
C GLN A 189 8.66 1.48 -26.98
N ILE A 190 7.61 0.74 -26.68
CA ILE A 190 7.69 -0.70 -26.68
C ILE A 190 8.03 -1.14 -28.12
N PRO A 191 9.10 -1.93 -28.32
CA PRO A 191 9.43 -2.28 -29.71
C PRO A 191 8.33 -3.06 -30.38
N SER A 192 7.94 -2.63 -31.58
CA SER A 192 6.92 -3.31 -32.37
C SER A 192 7.21 -4.81 -32.56
N GLN A 193 8.49 -5.12 -32.64
CA GLN A 193 8.95 -6.47 -32.90
C GLN A 193 8.57 -7.44 -31.77
N LEU A 194 8.25 -6.95 -30.56
CA LEU A 194 7.78 -7.85 -29.52
C LEU A 194 6.46 -8.57 -29.90
N GLY A 195 5.69 -8.02 -30.84
CA GLY A 195 4.50 -8.67 -31.35
C GLY A 195 4.74 -9.97 -32.09
N ASN A 196 5.99 -10.23 -32.49
CA ASN A 196 6.40 -11.50 -33.06
C ASN A 196 6.47 -12.62 -32.03
N LEU A 197 6.41 -12.30 -30.75
CA LEU A 197 6.61 -13.29 -29.66
C LEU A 197 5.25 -13.87 -29.34
N THR A 198 4.73 -14.63 -30.30
CA THR A 198 3.32 -14.97 -30.33
C THR A 198 2.97 -16.01 -29.28
N GLU A 199 3.98 -16.64 -28.68
CA GLU A 199 3.76 -17.54 -27.57
C GLU A 199 3.74 -16.87 -26.20
N LEU A 200 3.99 -15.57 -26.12
CA LEU A 200 4.07 -14.93 -24.80
C LEU A 200 2.84 -15.08 -23.89
N GLN A 201 3.09 -15.49 -22.67
CA GLN A 201 2.04 -15.57 -21.63
C GLN A 201 2.23 -14.48 -20.58
N VAL A 202 3.46 -14.05 -20.39
CA VAL A 202 3.74 -12.99 -19.43
C VAL A 202 4.59 -11.91 -20.09
N LEU A 203 4.09 -10.67 -20.08
CA LEU A 203 4.87 -9.52 -20.49
C LEU A 203 4.86 -8.51 -19.34
N TRP A 204 6.00 -8.35 -18.69
CA TRP A 204 6.14 -7.46 -17.55
C TRP A 204 7.23 -6.43 -17.88
N LEU A 205 6.77 -5.22 -18.21
CA LEU A 205 7.63 -4.10 -18.53
C LEU A 205 7.28 -2.91 -17.69
N ALA A 206 6.87 -3.15 -16.45
CA ALA A 206 6.64 -2.06 -15.49
C ALA A 206 7.93 -1.26 -15.24
N GLY A 207 7.81 0.06 -15.06
CA GLY A 207 8.96 0.91 -14.70
C GLY A 207 10.09 0.83 -15.71
N CYS A 208 9.75 0.96 -17.00
CA CYS A 208 10.71 0.81 -18.11
C CYS A 208 10.83 2.09 -18.93
N ASN A 209 10.34 3.20 -18.40
CA ASN A 209 10.39 4.50 -19.07
C ASN A 209 9.76 4.46 -20.47
N LEU A 210 8.67 3.69 -20.60
CA LEU A 210 8.01 3.53 -21.89
C LEU A 210 7.12 4.74 -22.17
N VAL A 211 7.15 5.17 -23.43
CA VAL A 211 6.29 6.26 -23.93
C VAL A 211 5.51 5.75 -25.13
N GLY A 212 4.56 6.57 -25.55
CA GLY A 212 3.78 6.25 -26.72
C GLY A 212 2.72 5.17 -26.47
N PRO A 213 2.10 4.68 -27.54
CA PRO A 213 0.99 3.74 -27.33
C PRO A 213 1.48 2.30 -27.16
N ILE A 214 0.61 1.44 -26.69
CA ILE A 214 0.86 0.04 -26.77
C ILE A 214 0.86 -0.27 -28.29
N PRO A 215 1.94 -0.87 -28.80
CA PRO A 215 1.95 -1.11 -30.25
C PRO A 215 0.81 -2.01 -30.72
N PRO A 216 0.22 -1.72 -31.91
CA PRO A 216 -0.82 -2.61 -32.42
C PRO A 216 -0.34 -4.06 -32.64
N SER A 217 0.95 -4.25 -32.94
CA SER A 217 1.47 -5.64 -33.12
C SER A 217 1.24 -6.52 -31.92
N LEU A 218 1.10 -5.95 -30.71
CA LEU A 218 0.92 -6.79 -29.52
C LEU A 218 -0.43 -7.53 -29.49
N SER A 219 -1.34 -7.13 -30.38
CA SER A 219 -2.55 -7.88 -30.63
C SER A 219 -2.32 -9.30 -31.12
N ARG A 220 -1.13 -9.61 -31.62
CA ARG A 220 -0.77 -10.98 -32.00
C ARG A 220 -0.45 -11.87 -30.75
N LEU A 221 -0.35 -11.27 -29.56
CA LEU A 221 0.00 -12.05 -28.33
C LEU A 221 -1.25 -12.63 -27.73
N THR A 222 -1.86 -13.54 -28.46
CA THR A 222 -3.15 -14.08 -28.07
C THR A 222 -3.11 -15.09 -26.92
N SER A 223 -1.92 -15.52 -26.51
CA SER A 223 -1.79 -16.38 -25.32
C SER A 223 -1.47 -15.57 -24.04
N LEU A 224 -1.57 -14.23 -24.06
CA LEU A 224 -1.24 -13.50 -22.86
C LEU A 224 -2.14 -13.86 -21.67
N VAL A 225 -1.49 -14.11 -20.56
CA VAL A 225 -2.12 -14.37 -19.27
C VAL A 225 -1.95 -13.15 -18.33
N ASN A 226 -0.75 -12.57 -18.30
CA ASN A 226 -0.41 -11.41 -17.47
C ASN A 226 0.29 -10.39 -18.36
N LEU A 227 -0.40 -9.26 -18.55
CA LEU A 227 0.16 -8.09 -19.18
C LEU A 227 0.30 -7.03 -18.13
N ASP A 228 1.52 -6.59 -17.88
CA ASP A 228 1.79 -5.66 -16.80
C ASP A 228 2.73 -4.59 -17.35
N LEU A 229 2.16 -3.42 -17.59
CA LEU A 229 2.87 -2.28 -18.11
C LEU A 229 2.82 -1.07 -17.16
N THR A 230 2.81 -1.34 -15.87
CA THR A 230 2.57 -0.35 -14.83
C THR A 230 3.70 0.63 -14.76
N PHE A 231 3.45 1.83 -14.23
CA PHE A 231 4.54 2.79 -13.99
C PHE A 231 5.33 3.15 -15.27
N ASN A 232 4.66 3.68 -16.29
CA ASN A 232 5.31 4.15 -17.51
C ASN A 232 4.56 5.44 -17.93
N GLN A 233 4.82 5.95 -19.11
CA GLN A 233 4.03 7.10 -19.59
C GLN A 233 3.35 6.71 -20.93
N LEU A 234 2.74 5.54 -20.96
CA LEU A 234 2.07 5.05 -22.16
C LEU A 234 0.83 5.89 -22.38
N THR A 235 0.48 6.13 -23.63
CA THR A 235 -0.59 7.07 -23.99
C THR A 235 -1.62 6.40 -24.92
N GLY A 236 -2.69 7.13 -25.24
CA GLY A 236 -3.74 6.61 -26.11
C GLY A 236 -4.64 5.64 -25.38
N SER A 237 -5.45 4.93 -26.15
CA SER A 237 -6.49 4.01 -25.63
C SER A 237 -5.88 2.74 -25.09
N ILE A 238 -6.55 2.15 -24.12
CA ILE A 238 -6.31 0.76 -23.75
C ILE A 238 -6.93 -0.06 -24.86
N PRO A 239 -6.15 -0.88 -25.56
CA PRO A 239 -6.73 -1.41 -26.79
C PRO A 239 -7.77 -2.50 -26.55
N SER A 240 -8.81 -2.52 -27.38
CA SER A 240 -9.92 -3.44 -27.12
C SER A 240 -9.55 -4.89 -27.39
N TRP A 241 -8.46 -5.18 -28.12
CA TRP A 241 -7.99 -6.56 -28.29
C TRP A 241 -7.70 -7.28 -26.93
N ILE A 242 -7.44 -6.57 -25.83
CA ILE A 242 -7.23 -7.28 -24.55
C ILE A 242 -8.46 -8.10 -24.18
N THR A 243 -9.62 -7.59 -24.57
CA THR A 243 -10.90 -8.20 -24.37
C THR A 243 -11.08 -9.57 -25.02
N GLN A 244 -10.38 -9.80 -26.12
CA GLN A 244 -10.53 -11.04 -26.82
C GLN A 244 -9.49 -12.10 -26.43
N LEU A 245 -8.60 -11.77 -25.49
CA LEU A 245 -7.63 -12.74 -24.98
C LEU A 245 -8.39 -13.83 -24.24
N LYS A 246 -8.32 -15.05 -24.74
CA LYS A 246 -9.17 -16.10 -24.18
C LYS A 246 -8.69 -16.63 -22.80
N THR A 247 -7.45 -16.33 -22.40
CA THR A 247 -6.91 -16.88 -21.14
CA THR A 247 -6.86 -16.90 -21.17
C THR A 247 -6.30 -15.83 -20.24
N VAL A 248 -6.61 -14.57 -20.52
CA VAL A 248 -6.07 -13.50 -19.74
C VAL A 248 -6.54 -13.57 -18.29
N GLU A 249 -5.58 -13.46 -17.37
CA GLU A 249 -5.90 -13.41 -15.94
C GLU A 249 -5.58 -12.12 -15.23
N GLN A 250 -4.61 -11.35 -15.74
CA GLN A 250 -4.21 -10.17 -15.03
C GLN A 250 -3.80 -9.10 -16.01
N ILE A 251 -4.38 -7.91 -15.87
CA ILE A 251 -4.03 -6.76 -16.66
C ILE A 251 -3.67 -5.66 -15.68
N GLU A 252 -2.44 -5.17 -15.74
CA GLU A 252 -1.94 -4.16 -14.82
C GLU A 252 -1.41 -2.99 -15.66
N LEU A 253 -2.12 -1.86 -15.63
CA LEU A 253 -1.82 -0.72 -16.49
C LEU A 253 -1.80 0.57 -15.69
N PHE A 254 -1.69 0.44 -14.39
CA PHE A 254 -1.79 1.60 -13.56
C PHE A 254 -0.56 2.49 -13.60
N ASN A 255 -0.85 3.76 -13.37
CA ASN A 255 0.12 4.84 -13.43
C ASN A 255 0.80 4.95 -14.81
N ASN A 256 -0.03 5.40 -15.75
CA ASN A 256 0.38 5.67 -17.11
C ASN A 256 -0.35 6.96 -17.55
N SER A 257 -0.49 7.19 -18.85
CA SER A 257 -1.29 8.30 -19.35
C SER A 257 -2.34 7.81 -20.33
N PHE A 258 -2.92 6.65 -20.04
CA PHE A 258 -3.99 6.13 -20.91
C PHE A 258 -5.22 7.02 -20.89
N SER A 259 -5.83 7.20 -22.06
CA SER A 259 -6.98 8.10 -22.17
C SER A 259 -8.06 7.34 -22.93
N GLY A 260 -9.19 7.99 -23.17
CA GLY A 260 -10.32 7.34 -23.78
C GLY A 260 -11.03 6.50 -22.77
N GLU A 261 -11.76 5.49 -23.24
CA GLU A 261 -12.65 4.72 -22.35
C GLU A 261 -12.18 3.31 -22.16
N LEU A 262 -12.66 2.67 -21.10
CA LEU A 262 -12.48 1.22 -20.92
C LEU A 262 -13.17 0.48 -22.08
N PRO A 263 -12.49 -0.53 -22.67
CA PRO A 263 -13.10 -1.29 -23.76
C PRO A 263 -14.50 -1.77 -23.38
N GLU A 264 -15.45 -1.42 -24.20
CA GLU A 264 -16.87 -1.65 -23.96
C GLU A 264 -17.20 -3.13 -23.71
N SER A 265 -16.49 -4.06 -24.37
CA SER A 265 -16.74 -5.48 -24.25
C SER A 265 -15.93 -6.15 -23.13
N MET A 266 -15.30 -5.39 -22.24
CA MET A 266 -14.58 -5.90 -21.06
C MET A 266 -15.37 -6.91 -20.26
N GLY A 267 -16.69 -6.70 -20.25
CA GLY A 267 -17.62 -7.55 -19.53
C GLY A 267 -17.58 -9.02 -19.81
N ASN A 268 -17.16 -9.41 -21.01
CA ASN A 268 -17.10 -10.81 -21.38
C ASN A 268 -15.77 -11.49 -21.00
N MET A 269 -14.87 -10.81 -20.31
CA MET A 269 -13.54 -11.40 -19.95
C MET A 269 -13.68 -12.32 -18.73
N THR A 270 -14.26 -13.48 -18.97
CA THR A 270 -14.68 -14.44 -17.93
CA THR A 270 -14.69 -14.32 -17.84
C THR A 270 -13.49 -14.95 -17.11
N THR A 271 -12.32 -14.93 -17.72
CA THR A 271 -11.11 -15.48 -17.09
C THR A 271 -10.38 -14.46 -16.24
N LEU A 272 -10.71 -13.19 -16.38
CA LEU A 272 -9.97 -12.13 -15.73
C LEU A 272 -10.07 -12.19 -14.19
N LYS A 273 -8.91 -12.17 -13.52
CA LYS A 273 -8.82 -12.21 -12.05
C LYS A 273 -8.52 -10.83 -11.49
N ARG A 274 -7.65 -10.09 -12.16
CA ARG A 274 -7.18 -8.78 -11.63
C ARG A 274 -7.05 -7.78 -12.77
N PHE A 275 -7.68 -6.63 -12.58
CA PHE A 275 -7.63 -5.56 -13.54
C PHE A 275 -7.37 -4.28 -12.79
N ASP A 276 -6.28 -3.61 -13.14
CA ASP A 276 -5.94 -2.30 -12.52
C ASP A 276 -5.52 -1.32 -13.60
N ALA A 277 -6.35 -0.31 -13.85
CA ALA A 277 -6.00 0.80 -14.73
C ALA A 277 -6.12 2.11 -14.00
N SER A 278 -5.80 2.08 -12.71
CA SER A 278 -5.78 3.26 -11.87
C SER A 278 -4.73 4.28 -12.30
N MET A 279 -4.94 5.53 -11.90
CA MET A 279 -3.97 6.60 -12.16
C MET A 279 -3.65 6.73 -13.63
N ASN A 280 -4.71 6.96 -14.40
CA ASN A 280 -4.60 7.27 -15.80
C ASN A 280 -5.47 8.48 -16.07
N LYS A 281 -5.91 8.65 -17.31
CA LYS A 281 -6.79 9.74 -17.68
C LYS A 281 -7.99 9.18 -18.40
N LEU A 282 -8.52 8.09 -17.91
CA LEU A 282 -9.70 7.47 -18.50
C LEU A 282 -11.01 8.28 -18.28
N THR A 283 -11.84 8.31 -19.31
CA THR A 283 -13.12 8.94 -19.28
C THR A 283 -14.22 7.94 -19.63
N GLY A 284 -15.44 8.41 -19.68
CA GLY A 284 -16.57 7.52 -19.95
C GLY A 284 -16.94 6.66 -18.78
N LYS A 285 -17.68 5.60 -19.07
CA LYS A 285 -18.31 4.75 -18.06
C LYS A 285 -17.57 3.45 -17.82
N ILE A 286 -17.89 2.82 -16.69
CA ILE A 286 -17.51 1.46 -16.43
C ILE A 286 -18.38 0.62 -17.37
N PRO A 287 -17.78 -0.26 -18.17
CA PRO A 287 -18.61 -1.12 -19.01
C PRO A 287 -19.66 -1.87 -18.21
N ASP A 288 -20.81 -2.10 -18.81
CA ASP A 288 -21.89 -2.82 -18.15
C ASP A 288 -22.04 -4.22 -18.78
N ASN A 289 -23.11 -4.92 -18.47
CA ASN A 289 -23.22 -6.36 -18.75
C ASN A 289 -21.94 -7.09 -18.39
N LEU A 290 -21.46 -6.86 -17.18
CA LEU A 290 -20.26 -7.55 -16.65
C LEU A 290 -20.60 -9.00 -16.38
N ASN A 291 -19.75 -9.92 -16.87
CA ASN A 291 -19.85 -11.34 -16.52
C ASN A 291 -18.45 -11.75 -16.11
N LEU A 292 -17.93 -11.03 -15.13
CA LEU A 292 -16.51 -11.16 -14.76
C LEU A 292 -16.45 -12.19 -13.66
N LEU A 293 -16.66 -13.44 -14.08
CA LEU A 293 -16.89 -14.55 -13.14
C LEU A 293 -15.71 -14.84 -12.19
N ASN A 294 -14.50 -14.60 -12.67
CA ASN A 294 -13.29 -14.89 -11.90
C ASN A 294 -12.66 -13.69 -11.28
N LEU A 295 -13.30 -12.54 -11.37
CA LEU A 295 -12.68 -11.31 -10.89
C LEU A 295 -12.46 -11.30 -9.40
N GLU A 296 -11.23 -10.98 -8.97
CA GLU A 296 -10.86 -10.81 -7.57
C GLU A 296 -10.60 -9.37 -7.21
N SER A 297 -10.05 -8.60 -8.13
CA SER A 297 -9.66 -7.23 -7.87
C SER A 297 -9.93 -6.36 -9.06
N LEU A 298 -10.65 -5.26 -8.82
CA LEU A 298 -10.88 -4.22 -9.79
C LEU A 298 -10.48 -2.87 -9.19
N ASN A 299 -9.44 -2.29 -9.73
CA ASN A 299 -8.98 -0.98 -9.32
C ASN A 299 -9.01 -0.03 -10.52
N LEU A 300 -9.74 1.08 -10.37
CA LEU A 300 -9.83 2.08 -11.40
C LEU A 300 -9.74 3.47 -10.80
N PHE A 301 -9.09 3.56 -9.65
CA PHE A 301 -9.02 4.83 -8.95
C PHE A 301 -8.20 5.89 -9.70
N GLU A 302 -8.49 7.17 -9.40
CA GLU A 302 -7.78 8.34 -9.98
C GLU A 302 -7.85 8.32 -11.50
N ASN A 303 -9.08 8.36 -11.98
CA ASN A 303 -9.34 8.59 -13.40
C ASN A 303 -10.42 9.68 -13.47
N MET A 304 -11.12 9.78 -14.60
CA MET A 304 -12.25 10.69 -14.74
C MET A 304 -13.50 9.95 -15.19
N LEU A 305 -13.72 8.78 -14.60
CA LEU A 305 -14.86 7.93 -14.95
C LEU A 305 -16.15 8.54 -14.46
N GLU A 306 -17.23 8.35 -15.21
CA GLU A 306 -18.54 8.89 -14.86
C GLU A 306 -19.54 7.74 -14.94
N GLY A 307 -20.78 8.03 -14.60
CA GLY A 307 -21.84 7.02 -14.58
C GLY A 307 -21.76 6.10 -13.36
N PRO A 308 -22.60 5.06 -13.33
CA PRO A 308 -22.76 4.28 -12.11
C PRO A 308 -21.81 3.09 -12.00
N LEU A 309 -21.81 2.44 -10.83
CA LEU A 309 -21.23 1.09 -10.68
C LEU A 309 -22.33 0.11 -11.16
N PRO A 310 -22.08 -0.61 -12.28
CA PRO A 310 -23.18 -1.42 -12.81
C PRO A 310 -23.53 -2.53 -11.86
N GLU A 311 -24.83 -2.84 -11.76
CA GLU A 311 -25.38 -3.93 -10.94
C GLU A 311 -24.69 -5.28 -11.23
N SER A 312 -24.30 -5.47 -12.48
CA SER A 312 -23.68 -6.71 -12.91
C SER A 312 -22.31 -6.98 -12.30
N ILE A 313 -21.71 -6.00 -11.60
CA ILE A 313 -20.55 -6.27 -10.76
C ILE A 313 -20.84 -7.38 -9.73
N THR A 314 -22.10 -7.51 -9.31
CA THR A 314 -22.48 -8.54 -8.35
C THR A 314 -22.43 -9.96 -8.89
N ARG A 315 -22.19 -10.13 -10.20
CA ARG A 315 -21.93 -11.46 -10.73
C ARG A 315 -20.52 -11.99 -10.38
N SER A 316 -19.63 -11.12 -9.90
CA SER A 316 -18.26 -11.48 -9.54
C SER A 316 -18.22 -11.99 -8.11
N LYS A 317 -18.45 -13.28 -7.98
CA LYS A 317 -18.66 -13.91 -6.69
C LYS A 317 -17.36 -14.14 -5.91
N THR A 318 -16.21 -13.85 -6.52
CA THR A 318 -14.91 -13.94 -5.83
C THR A 318 -14.28 -12.57 -5.64
N LEU A 319 -15.02 -11.48 -5.91
CA LEU A 319 -14.47 -10.13 -5.78
C LEU A 319 -14.08 -9.81 -4.34
N SER A 320 -12.82 -9.43 -4.12
CA SER A 320 -12.36 -9.05 -2.79
C SER A 320 -11.84 -7.61 -2.68
N GLU A 321 -11.42 -7.01 -3.78
CA GLU A 321 -10.87 -5.66 -3.80
C GLU A 321 -11.57 -4.80 -4.88
N LEU A 322 -12.12 -3.68 -4.44
CA LEU A 322 -12.79 -2.72 -5.35
C LEU A 322 -12.40 -1.32 -4.94
N LYS A 323 -11.52 -0.71 -5.71
CA LYS A 323 -11.04 0.62 -5.42
C LYS A 323 -11.31 1.51 -6.64
N LEU A 324 -12.30 2.39 -6.50
CA LEU A 324 -12.79 3.26 -7.55
C LEU A 324 -12.68 4.74 -7.17
N PHE A 325 -11.88 5.04 -6.15
CA PHE A 325 -11.87 6.37 -5.60
C PHE A 325 -11.34 7.42 -6.57
N ASN A 326 -11.73 8.66 -6.35
CA ASN A 326 -11.33 9.81 -7.16
C ASN A 326 -11.71 9.60 -8.62
N ASN A 327 -13.01 9.54 -8.84
CA ASN A 327 -13.57 9.56 -10.17
C ASN A 327 -14.78 10.53 -10.14
N ARG A 328 -15.69 10.42 -11.12
CA ARG A 328 -16.91 11.22 -11.12
C ARG A 328 -18.12 10.27 -11.18
N LEU A 329 -18.02 9.17 -10.44
CA LEU A 329 -19.08 8.16 -10.48
C LEU A 329 -20.29 8.61 -9.69
N THR A 330 -21.48 8.20 -10.17
CA THR A 330 -22.74 8.71 -9.65
C THR A 330 -23.72 7.53 -9.45
N GLY A 331 -24.90 7.80 -8.91
CA GLY A 331 -25.94 6.78 -8.73
C GLY A 331 -25.83 6.06 -7.40
N VAL A 332 -26.75 5.15 -7.18
CA VAL A 332 -26.84 4.38 -5.96
C VAL A 332 -25.95 3.16 -6.21
N LEU A 333 -25.32 2.64 -5.16
CA LEU A 333 -24.56 1.42 -5.32
C LEU A 333 -25.52 0.23 -5.51
N PRO A 334 -25.10 -0.78 -6.29
CA PRO A 334 -25.91 -2.01 -6.30
C PRO A 334 -26.25 -2.51 -4.89
N SER A 335 -27.53 -2.69 -4.62
CA SER A 335 -28.03 -3.00 -3.28
C SER A 335 -27.45 -4.31 -2.75
N GLN A 336 -27.09 -5.23 -3.64
CA GLN A 336 -26.57 -6.53 -3.24
C GLN A 336 -25.07 -6.60 -3.11
N LEU A 337 -24.38 -5.47 -3.27
CA LEU A 337 -22.92 -5.49 -3.29
C LEU A 337 -22.39 -6.08 -1.99
N GLY A 338 -21.53 -7.08 -2.11
CA GLY A 338 -20.91 -7.76 -0.98
C GLY A 338 -21.68 -8.96 -0.40
N ALA A 339 -22.96 -9.10 -0.70
CA ALA A 339 -23.72 -10.23 -0.14
C ALA A 339 -23.13 -11.58 -0.55
N ASN A 340 -22.68 -11.63 -1.80
CA ASN A 340 -22.24 -12.83 -2.49
C ASN A 340 -20.76 -12.78 -2.88
N SER A 341 -19.97 -11.87 -2.31
CA SER A 341 -18.54 -11.66 -2.62
C SER A 341 -17.77 -11.59 -1.34
N PRO A 342 -16.52 -12.07 -1.32
CA PRO A 342 -15.71 -11.96 -0.11
C PRO A 342 -15.02 -10.59 -0.07
N LEU A 343 -15.81 -9.53 0.01
CA LEU A 343 -15.23 -8.19 -0.07
C LEU A 343 -14.31 -7.96 1.13
N GLN A 344 -13.13 -7.44 0.82
CA GLN A 344 -12.08 -7.21 1.79
C GLN A 344 -11.69 -5.75 1.84
N TYR A 345 -11.45 -5.15 0.69
CA TYR A 345 -11.04 -3.75 0.62
C TYR A 345 -11.96 -3.03 -0.35
N VAL A 346 -12.73 -2.09 0.17
CA VAL A 346 -13.66 -1.29 -0.61
C VAL A 346 -13.34 0.19 -0.39
N ASP A 347 -12.93 0.89 -1.45
CA ASP A 347 -12.57 2.33 -1.37
C ASP A 347 -13.16 3.07 -2.58
N LEU A 348 -14.29 3.73 -2.32
CA LEU A 348 -15.07 4.45 -3.33
C LEU A 348 -15.13 5.96 -3.06
N SER A 349 -14.16 6.43 -2.29
CA SER A 349 -14.04 7.80 -1.86
C SER A 349 -13.95 8.77 -3.00
N TYR A 350 -14.39 10.01 -2.76
CA TYR A 350 -14.23 11.10 -3.74
C TYR A 350 -14.92 10.74 -5.05
N ASN A 351 -16.21 10.47 -4.94
CA ASN A 351 -17.08 10.31 -6.11
C ASN A 351 -18.38 11.08 -5.80
N ARG A 352 -19.46 10.83 -6.54
CA ARG A 352 -20.75 11.45 -6.28
C ARG A 352 -21.81 10.35 -6.11
N PHE A 353 -21.48 9.28 -5.39
CA PHE A 353 -22.46 8.23 -5.14
C PHE A 353 -23.53 8.75 -4.17
N SER A 354 -24.75 8.23 -4.28
CA SER A 354 -25.88 8.63 -3.42
C SER A 354 -26.60 7.37 -2.95
N GLY A 355 -27.68 7.56 -2.17
CA GLY A 355 -28.47 6.45 -1.64
C GLY A 355 -27.75 5.79 -0.48
N GLU A 356 -28.21 4.61 -0.10
CA GLU A 356 -27.71 3.97 1.14
C GLU A 356 -26.47 3.12 0.92
N ILE A 357 -25.70 2.95 1.98
CA ILE A 357 -24.59 2.01 1.92
C ILE A 357 -25.18 0.60 1.80
N PRO A 358 -24.85 -0.19 0.75
CA PRO A 358 -25.39 -1.55 0.65
C PRO A 358 -25.30 -2.31 2.00
N ALA A 359 -26.41 -2.90 2.41
CA ALA A 359 -26.56 -3.36 3.78
C ALA A 359 -25.67 -4.59 4.08
N ASN A 360 -25.37 -5.35 3.03
CA ASN A 360 -24.55 -6.53 3.15
C ASN A 360 -23.19 -6.35 2.51
N VAL A 361 -22.64 -5.15 2.55
CA VAL A 361 -21.25 -4.96 2.08
C VAL A 361 -20.24 -5.87 2.81
N CYS A 362 -20.53 -6.20 4.07
CA CYS A 362 -19.74 -7.17 4.82
C CYS A 362 -20.48 -8.47 5.00
N GLY A 363 -21.33 -8.84 4.06
CA GLY A 363 -22.08 -10.09 4.13
C GLY A 363 -21.26 -11.33 4.39
N GLU A 364 -20.07 -11.44 3.81
CA GLU A 364 -19.29 -12.68 4.00
C GLU A 364 -18.26 -12.60 5.15
N GLY A 365 -18.25 -11.49 5.87
CA GLY A 365 -17.45 -11.40 7.12
C GLY A 365 -15.95 -11.21 6.88
N LYS A 366 -15.60 -10.68 5.72
CA LYS A 366 -14.18 -10.45 5.34
C LYS A 366 -13.78 -9.00 5.18
N LEU A 367 -14.72 -8.08 5.29
CA LEU A 367 -14.46 -6.68 4.95
C LEU A 367 -13.54 -6.05 5.99
N GLU A 368 -12.43 -5.49 5.49
CA GLU A 368 -11.43 -4.87 6.36
C GLU A 368 -11.42 -3.37 6.21
N TYR A 369 -11.45 -2.88 4.97
CA TYR A 369 -11.48 -1.43 4.69
C TYR A 369 -12.83 -1.08 4.11
N LEU A 370 -13.55 -0.17 4.78
CA LEU A 370 -14.71 0.47 4.18
C LEU A 370 -14.47 1.96 4.12
N ILE A 371 -14.11 2.42 2.94
CA ILE A 371 -13.65 3.81 2.72
C ILE A 371 -14.56 4.47 1.72
N LEU A 372 -15.36 5.43 2.18
CA LEU A 372 -16.44 6.07 1.38
C LEU A 372 -16.46 7.60 1.48
N ILE A 373 -15.37 8.19 1.91
CA ILE A 373 -15.27 9.63 2.12
C ILE A 373 -15.74 10.45 0.94
N ASP A 374 -16.40 11.57 1.21
CA ASP A 374 -16.72 12.58 0.17
C ASP A 374 -17.58 11.97 -0.91
N ASN A 375 -18.78 11.54 -0.54
CA ASN A 375 -19.82 11.13 -1.49
C ASN A 375 -21.09 11.78 -0.95
N SER A 376 -22.26 11.34 -1.38
CA SER A 376 -23.52 11.79 -0.79
C SER A 376 -24.35 10.59 -0.30
N PHE A 377 -23.69 9.63 0.33
CA PHE A 377 -24.41 8.52 0.94
C PHE A 377 -25.34 9.02 2.03
N SER A 378 -26.53 8.44 2.08
CA SER A 378 -27.54 8.87 3.01
C SER A 378 -28.15 7.70 3.72
N GLY A 379 -28.99 8.03 4.69
CA GLY A 379 -29.68 7.04 5.47
C GLY A 379 -28.77 6.67 6.62
N GLU A 380 -29.04 5.49 7.18
CA GLU A 380 -28.34 4.99 8.36
C GLU A 380 -27.36 3.92 7.98
N ILE A 381 -26.42 3.65 8.86
CA ILE A 381 -25.47 2.55 8.68
C ILE A 381 -26.24 1.33 9.10
N SER A 382 -26.21 0.30 8.29
CA SER A 382 -26.91 -0.91 8.62
C SER A 382 -26.37 -1.51 9.92
N ASN A 383 -27.25 -2.08 10.73
CA ASN A 383 -26.88 -2.85 11.93
C ASN A 383 -25.96 -4.02 11.62
N ASN A 384 -26.03 -4.54 10.39
CA ASN A 384 -25.06 -5.54 9.89
C ASN A 384 -23.62 -5.16 10.12
N LEU A 385 -23.30 -3.88 9.88
CA LEU A 385 -21.93 -3.41 9.97
C LEU A 385 -21.46 -3.39 11.40
N GLY A 386 -22.43 -3.28 12.32
CA GLY A 386 -22.20 -3.41 13.73
C GLY A 386 -21.64 -4.75 14.13
N LYS A 387 -21.74 -5.75 13.26
CA LYS A 387 -21.26 -7.09 13.55
C LYS A 387 -20.10 -7.47 12.62
N CYS A 388 -19.63 -6.52 11.79
CA CYS A 388 -18.55 -6.81 10.84
C CYS A 388 -17.19 -6.77 11.54
N LYS A 389 -16.90 -7.85 12.26
CA LYS A 389 -15.75 -7.96 13.16
C LYS A 389 -14.38 -7.96 12.47
N SER A 390 -14.36 -8.15 11.16
CA SER A 390 -13.14 -8.08 10.37
C SER A 390 -12.67 -6.63 10.13
N LEU A 391 -13.54 -5.63 10.36
CA LEU A 391 -13.17 -4.25 10.06
C LEU A 391 -11.97 -3.70 10.79
N THR A 392 -11.05 -3.12 10.02
CA THR A 392 -9.94 -2.34 10.58
C THR A 392 -9.97 -0.86 10.31
N ARG A 393 -10.54 -0.45 9.18
CA ARG A 393 -10.40 0.94 8.71
C ARG A 393 -11.75 1.36 8.14
N VAL A 394 -12.42 2.29 8.81
CA VAL A 394 -13.73 2.77 8.40
C VAL A 394 -13.66 4.26 8.25
N ARG A 395 -13.98 4.75 7.06
CA ARG A 395 -13.94 6.18 6.81
C ARG A 395 -15.20 6.53 6.06
N LEU A 396 -16.17 7.11 6.78
CA LEU A 396 -17.46 7.49 6.21
C LEU A 396 -17.70 8.98 6.21
N SER A 397 -16.64 9.75 6.36
CA SER A 397 -16.77 11.17 6.53
C SER A 397 -17.25 11.90 5.31
N ASN A 398 -17.88 13.05 5.55
CA ASN A 398 -18.29 14.00 4.50
CA ASN A 398 -18.29 14.00 4.51
C ASN A 398 -19.31 13.34 3.58
N ASN A 399 -20.37 12.80 4.17
CA ASN A 399 -21.51 12.26 3.41
C ASN A 399 -22.79 12.95 3.91
N LYS A 400 -23.94 12.33 3.73
CA LYS A 400 -25.22 12.80 4.24
C LYS A 400 -25.85 11.74 5.12
N LEU A 401 -25.04 11.04 5.94
CA LEU A 401 -25.53 9.93 6.75
C LEU A 401 -26.17 10.45 8.02
N SER A 402 -27.07 9.67 8.58
CA SER A 402 -27.83 10.12 9.77
C SER A 402 -28.17 8.94 10.67
N GLY A 403 -28.95 9.20 11.70
CA GLY A 403 -29.43 8.19 12.62
C GLY A 403 -28.34 7.77 13.56
N GLN A 404 -28.60 6.71 14.32
CA GLN A 404 -27.67 6.26 15.32
C GLN A 404 -26.71 5.29 14.68
N ILE A 405 -25.49 5.30 15.20
CA ILE A 405 -24.49 4.33 14.81
C ILE A 405 -24.94 3.00 15.44
N PRO A 406 -24.76 1.86 14.74
CA PRO A 406 -25.03 0.54 15.37
C PRO A 406 -24.16 0.26 16.60
N HIS A 407 -24.78 -0.27 17.66
CA HIS A 407 -24.16 -0.43 19.00
C HIS A 407 -22.79 -1.10 18.95
N GLY A 408 -22.69 -2.19 18.17
CA GLY A 408 -21.47 -3.01 18.10
C GLY A 408 -20.33 -2.39 17.34
N PHE A 409 -20.65 -1.39 16.53
CA PHE A 409 -19.67 -0.71 15.68
C PHE A 409 -18.59 -0.05 16.53
N TRP A 410 -18.99 0.54 17.66
CA TRP A 410 -18.06 1.22 18.56
C TRP A 410 -17.02 0.28 19.19
N GLY A 411 -17.37 -0.99 19.39
CA GLY A 411 -16.45 -1.93 20.03
C GLY A 411 -15.89 -3.06 19.18
N LEU A 412 -15.86 -2.90 17.86
CA LEU A 412 -15.31 -3.92 16.97
C LEU A 412 -13.84 -4.17 17.32
N PRO A 413 -13.43 -5.45 17.41
CA PRO A 413 -12.16 -5.79 18.07
C PRO A 413 -10.89 -5.48 17.30
N ARG A 414 -10.97 -5.32 15.97
CA ARG A 414 -9.81 -5.00 15.16
C ARG A 414 -9.86 -3.57 14.58
N LEU A 415 -10.88 -2.82 14.95
CA LEU A 415 -11.15 -1.57 14.31
C LEU A 415 -10.08 -0.59 14.77
N SER A 416 -9.28 -0.10 13.81
CA SER A 416 -8.17 0.81 14.12
C SER A 416 -8.54 2.28 13.89
N LEU A 417 -9.13 2.56 12.73
CA LEU A 417 -9.58 3.91 12.40
C LEU A 417 -11.09 3.90 12.29
N LEU A 418 -11.73 4.71 13.12
CA LEU A 418 -13.17 4.94 13.06
C LEU A 418 -13.43 6.40 12.77
N GLU A 419 -13.75 6.68 11.51
CA GLU A 419 -13.92 8.05 11.01
C GLU A 419 -15.35 8.24 10.47
N LEU A 420 -16.08 9.11 11.16
CA LEU A 420 -17.50 9.34 10.85
C LEU A 420 -17.80 10.80 10.63
N SER A 421 -16.77 11.64 10.54
CA SER A 421 -16.97 13.08 10.74
C SER A 421 -17.79 13.72 9.62
N ASP A 422 -18.49 14.80 9.95
CA ASP A 422 -19.23 15.60 8.97
C ASP A 422 -20.33 14.76 8.32
N ASN A 423 -21.22 14.30 9.21
CA ASN A 423 -22.48 13.68 8.85
C ASN A 423 -23.53 14.30 9.79
N SER A 424 -24.64 13.61 10.07
CA SER A 424 -25.62 14.08 11.05
C SER A 424 -25.98 12.95 11.98
N PHE A 425 -25.00 12.18 12.42
CA PHE A 425 -25.25 11.07 13.35
C PHE A 425 -25.69 11.61 14.69
N THR A 426 -26.55 10.85 15.35
CA THR A 426 -27.08 11.22 16.65
C THR A 426 -26.79 10.08 17.62
N GLY A 427 -27.04 10.33 18.90
CA GLY A 427 -26.92 9.34 19.97
C GLY A 427 -25.72 9.58 20.87
N SER A 428 -25.62 8.76 21.90
CA SER A 428 -24.50 8.78 22.85
C SER A 428 -23.53 7.70 22.47
N ILE A 429 -22.25 7.89 22.78
CA ILE A 429 -21.27 6.84 22.61
C ILE A 429 -21.48 5.83 23.72
N PRO A 430 -21.77 4.57 23.38
CA PRO A 430 -22.01 3.54 24.39
C PRO A 430 -20.76 3.08 25.13
N LYS A 431 -20.97 2.47 26.28
CA LYS A 431 -19.87 1.95 27.11
C LYS A 431 -19.17 0.74 26.45
N THR A 432 -19.82 0.13 25.45
CA THR A 432 -19.25 -1.00 24.71
C THR A 432 -18.11 -0.60 23.77
N ILE A 433 -17.82 0.70 23.65
CA ILE A 433 -16.56 1.17 23.03
C ILE A 433 -15.33 0.53 23.71
N ILE A 434 -15.45 0.14 24.98
CA ILE A 434 -14.44 -0.64 25.72
C ILE A 434 -13.87 -1.86 24.96
N GLY A 435 -14.67 -2.43 24.06
CA GLY A 435 -14.23 -3.54 23.21
C GLY A 435 -13.25 -3.19 22.08
N ALA A 436 -13.14 -1.91 21.70
CA ALA A 436 -12.32 -1.54 20.53
C ALA A 436 -10.84 -1.54 20.87
N LYS A 437 -10.32 -2.72 21.13
CA LYS A 437 -8.97 -2.89 21.71
C LYS A 437 -7.87 -2.27 20.84
N ASN A 438 -8.09 -2.29 19.51
CA ASN A 438 -7.16 -1.81 18.51
C ASN A 438 -7.40 -0.37 18.06
N LEU A 439 -8.33 0.32 18.70
CA LEU A 439 -8.66 1.68 18.28
C LEU A 439 -7.48 2.60 18.46
N SER A 440 -7.06 3.20 17.34
CA SER A 440 -6.04 4.25 17.27
C SER A 440 -6.61 5.66 17.08
N ASN A 441 -7.54 5.80 16.13
CA ASN A 441 -8.05 7.13 15.77
C ASN A 441 -9.56 7.15 15.79
N LEU A 442 -10.12 7.97 16.67
CA LEU A 442 -11.56 8.24 16.69
C LEU A 442 -11.81 9.64 16.14
N ARG A 443 -12.44 9.67 14.97
CA ARG A 443 -12.68 10.91 14.23
C ARG A 443 -14.17 11.10 13.97
N ILE A 444 -14.85 11.84 14.86
CA ILE A 444 -16.32 11.96 14.83
C ILE A 444 -16.86 13.38 14.88
N SER A 445 -15.98 14.35 14.57
CA SER A 445 -16.34 15.74 14.61
CA SER A 445 -16.33 15.75 14.60
C SER A 445 -17.48 16.08 13.63
N LYS A 446 -18.20 17.14 13.91
CA LYS A 446 -19.21 17.66 13.01
C LYS A 446 -20.34 16.66 12.83
N ASN A 447 -20.98 16.29 13.94
CA ASN A 447 -22.14 15.44 13.93
C ASN A 447 -23.10 15.99 14.97
N ARG A 448 -24.09 15.21 15.38
CA ARG A 448 -24.99 15.61 16.46
C ARG A 448 -24.91 14.61 17.63
N PHE A 449 -23.72 14.11 17.95
CA PHE A 449 -23.60 13.15 19.06
C PHE A 449 -23.89 13.90 20.37
N SER A 450 -24.55 13.22 21.28
CA SER A 450 -24.97 13.82 22.56
C SER A 450 -24.44 12.98 23.73
N GLY A 451 -24.71 13.43 24.93
CA GLY A 451 -24.34 12.67 26.13
C GLY A 451 -22.91 12.88 26.52
N SER A 452 -22.48 12.11 27.51
CA SER A 452 -21.18 12.30 28.11
C SER A 452 -20.23 11.45 27.33
N ILE A 453 -18.97 11.88 27.26
CA ILE A 453 -17.90 11.07 26.72
C ILE A 453 -17.73 9.95 27.74
N PRO A 454 -17.89 8.68 27.31
CA PRO A 454 -17.79 7.60 28.29
C PRO A 454 -16.39 7.38 28.81
N ASN A 455 -16.32 7.12 30.11
CA ASN A 455 -15.09 6.80 30.86
C ASN A 455 -14.25 5.68 30.18
N GLU A 456 -14.93 4.68 29.64
CA GLU A 456 -14.25 3.53 29.02
C GLU A 456 -13.24 3.88 27.91
N ILE A 457 -13.41 5.02 27.22
CA ILE A 457 -12.43 5.44 26.20
C ILE A 457 -11.03 5.51 26.78
N GLY A 458 -10.93 5.87 28.06
CA GLY A 458 -9.65 5.85 28.80
C GLY A 458 -8.98 4.50 29.02
N SER A 459 -9.68 3.41 28.78
CA SER A 459 -9.06 2.07 28.85
C SER A 459 -8.38 1.61 27.53
N LEU A 460 -8.57 2.34 26.44
CA LEU A 460 -8.05 1.89 25.14
C LEU A 460 -6.64 2.46 24.98
N ASN A 461 -5.65 1.68 25.41
CA ASN A 461 -4.28 2.19 25.59
C ASN A 461 -3.59 2.68 24.33
N GLY A 462 -4.01 2.14 23.19
CA GLY A 462 -3.43 2.49 21.92
C GLY A 462 -3.97 3.77 21.31
N ILE A 463 -4.93 4.45 21.95
CA ILE A 463 -5.56 5.58 21.29
C ILE A 463 -4.51 6.68 21.09
N ILE A 464 -4.41 7.15 19.85
CA ILE A 464 -3.58 8.33 19.55
C ILE A 464 -4.37 9.61 19.22
N GLU A 465 -5.64 9.46 18.89
CA GLU A 465 -6.45 10.58 18.51
C GLU A 465 -7.90 10.43 18.96
N ILE A 466 -8.40 11.48 19.59
CA ILE A 466 -9.80 11.63 19.94
C ILE A 466 -10.22 12.99 19.42
N SER A 467 -11.03 12.96 18.38
CA SER A 467 -11.42 14.12 17.62
C SER A 467 -12.94 14.08 17.57
N GLY A 468 -13.55 14.98 18.35
CA GLY A 468 -15.01 15.02 18.53
C GLY A 468 -15.58 16.41 18.55
N ALA A 469 -14.93 17.35 17.84
CA ALA A 469 -15.38 18.73 17.82
C ALA A 469 -16.76 18.86 17.16
N GLU A 470 -17.48 19.94 17.46
CA GLU A 470 -18.73 20.26 16.77
C GLU A 470 -19.80 19.18 16.89
N ASN A 471 -20.07 18.82 18.14
CA ASN A 471 -21.13 17.90 18.49
C ASN A 471 -21.95 18.56 19.58
N ASP A 472 -22.69 17.75 20.33
CA ASP A 472 -23.45 18.19 21.49
C ASP A 472 -23.05 17.48 22.79
N PHE A 473 -21.78 17.13 22.91
CA PHE A 473 -21.29 16.48 24.12
C PHE A 473 -21.39 17.39 25.34
N SER A 474 -21.76 16.79 26.44
CA SER A 474 -21.98 17.51 27.70
C SER A 474 -21.40 16.70 28.85
N GLY A 475 -21.60 17.17 30.09
CA GLY A 475 -20.96 16.52 31.23
C GLY A 475 -19.48 16.82 31.24
N GLU A 476 -18.71 15.99 31.94
CA GLU A 476 -17.31 16.28 32.23
C GLU A 476 -16.37 15.47 31.35
N ILE A 477 -15.15 15.98 31.17
CA ILE A 477 -14.06 15.23 30.56
C ILE A 477 -13.69 14.12 31.52
N PRO A 478 -13.72 12.84 31.09
CA PRO A 478 -13.43 11.76 32.06
C PRO A 478 -11.99 11.81 32.48
N GLU A 479 -11.75 11.71 33.80
CA GLU A 479 -10.39 11.74 34.33
C GLU A 479 -9.52 10.68 33.66
N SER A 480 -10.13 9.56 33.29
CA SER A 480 -9.45 8.47 32.59
C SER A 480 -8.67 8.87 31.31
N LEU A 481 -9.11 9.89 30.58
CA LEU A 481 -8.41 10.32 29.35
C LEU A 481 -6.98 10.67 29.67
N VAL A 482 -6.77 11.14 30.90
CA VAL A 482 -5.48 11.59 31.36
C VAL A 482 -4.38 10.53 31.51
N LYS A 483 -4.71 9.23 31.43
CA LYS A 483 -3.67 8.20 31.39
C LYS A 483 -3.61 7.42 30.07
N LEU A 484 -4.12 8.02 29.01
CA LEU A 484 -3.85 7.57 27.65
C LEU A 484 -2.46 8.05 27.27
N LYS A 485 -1.50 7.16 27.46
CA LYS A 485 -0.08 7.49 27.34
C LYS A 485 0.34 7.83 25.91
N GLN A 486 -0.44 7.37 24.93
CA GLN A 486 -0.12 7.57 23.52
C GLN A 486 -0.95 8.64 22.87
N LEU A 487 -1.83 9.29 23.62
CA LEU A 487 -2.75 10.24 23.04
C LEU A 487 -2.00 11.46 22.49
N SER A 488 -2.21 11.72 21.20
CA SER A 488 -1.53 12.76 20.48
C SER A 488 -2.39 13.97 20.29
N ARG A 489 -3.65 13.75 19.95
CA ARG A 489 -4.53 14.86 19.60
C ARG A 489 -5.84 14.67 20.34
N LEU A 490 -6.21 15.67 21.16
CA LEU A 490 -7.50 15.73 21.82
C LEU A 490 -8.20 16.99 21.38
N ASP A 491 -9.27 16.84 20.59
CA ASP A 491 -10.03 17.98 20.10
C ASP A 491 -11.50 17.73 20.42
N LEU A 492 -11.99 18.43 21.44
CA LEU A 492 -13.39 18.42 21.84
C LEU A 492 -14.01 19.82 21.81
N SER A 493 -13.49 20.68 20.93
CA SER A 493 -14.02 22.03 20.76
C SER A 493 -15.46 22.04 20.24
N LYS A 494 -16.17 23.13 20.55
CA LYS A 494 -17.54 23.37 20.10
C LYS A 494 -18.51 22.26 20.54
N ASN A 495 -18.58 22.06 21.86
CA ASN A 495 -19.50 21.13 22.50
C ASN A 495 -20.09 21.88 23.70
N GLN A 496 -20.63 21.16 24.69
CA GLN A 496 -21.26 21.71 25.88
C GLN A 496 -20.62 21.09 27.12
N LEU A 497 -19.33 20.83 27.07
CA LEU A 497 -18.61 20.20 28.16
C LEU A 497 -18.48 21.15 29.34
N SER A 498 -18.48 20.58 30.53
CA SER A 498 -18.45 21.36 31.77
C SER A 498 -17.45 20.75 32.76
N GLY A 499 -17.27 21.39 33.91
CA GLY A 499 -16.29 20.95 34.90
C GLY A 499 -14.90 21.45 34.50
N GLU A 500 -13.89 20.73 34.97
CA GLU A 500 -12.51 21.22 34.96
C GLU A 500 -11.64 20.31 34.12
N ILE A 501 -10.40 20.74 33.90
CA ILE A 501 -9.37 19.88 33.32
C ILE A 501 -8.70 19.18 34.51
N PRO A 502 -8.45 17.86 34.41
CA PRO A 502 -7.72 17.22 35.53
C PRO A 502 -6.33 17.83 35.77
N ARG A 503 -5.90 17.79 37.03
CA ARG A 503 -4.68 18.48 37.47
C ARG A 503 -3.40 17.68 37.15
N GLU A 504 -3.47 16.36 37.24
CA GLU A 504 -2.32 15.49 37.03
C GLU A 504 -2.31 14.97 35.61
N LEU A 505 -1.40 15.52 34.81
CA LEU A 505 -1.36 15.31 33.36
C LEU A 505 -0.09 14.71 32.84
N ARG A 506 0.83 14.25 33.69
CA ARG A 506 2.08 13.62 33.22
C ARG A 506 1.88 12.34 32.39
N GLY A 507 0.69 11.75 32.46
CA GLY A 507 0.29 10.68 31.53
C GLY A 507 0.32 11.13 30.07
N TRP A 508 0.18 12.43 29.82
CA TRP A 508 0.07 12.96 28.46
C TRP A 508 1.41 13.31 27.82
N LYS A 509 2.32 12.33 27.85
CA LYS A 509 3.66 12.52 27.35
C LYS A 509 3.70 12.67 25.84
N ASN A 510 2.66 12.28 25.12
CA ASN A 510 2.69 12.39 23.67
C ASN A 510 1.69 13.39 23.15
N LEU A 511 1.11 14.20 24.04
CA LEU A 511 0.02 15.04 23.64
C LEU A 511 0.55 16.27 22.93
N ASN A 512 0.15 16.38 21.66
CA ASN A 512 0.61 17.42 20.80
C ASN A 512 -0.43 18.55 20.67
N GLU A 513 -1.70 18.20 20.68
CA GLU A 513 -2.77 19.16 20.54
C GLU A 513 -3.79 18.96 21.63
N LEU A 514 -4.11 20.04 22.34
CA LEU A 514 -5.22 20.06 23.30
C LEU A 514 -6.16 21.18 22.90
N ASN A 515 -7.33 20.81 22.38
CA ASN A 515 -8.27 21.79 21.89
C ASN A 515 -9.63 21.59 22.53
N LEU A 516 -9.96 22.49 23.45
CA LEU A 516 -11.23 22.44 24.18
C LEU A 516 -12.03 23.72 24.03
N ALA A 517 -11.77 24.47 22.97
CA ALA A 517 -12.38 25.78 22.77
C ALA A 517 -13.90 25.65 22.67
N ASN A 518 -14.64 26.65 23.16
CA ASN A 518 -16.08 26.74 22.95
C ASN A 518 -16.84 25.62 23.65
N ASN A 519 -16.66 25.60 24.96
CA ASN A 519 -17.37 24.70 25.84
C ASN A 519 -17.85 25.55 27.04
N HIS A 520 -18.13 24.91 28.17
CA HIS A 520 -18.53 25.57 29.42
C HIS A 520 -17.57 25.16 30.54
N LEU A 521 -16.29 25.06 30.21
CA LEU A 521 -15.31 24.53 31.13
C LEU A 521 -14.90 25.63 32.12
N SER A 522 -14.61 25.21 33.34
CA SER A 522 -14.35 26.14 34.43
C SER A 522 -13.11 25.70 35.20
N GLY A 523 -12.77 26.39 36.29
CA GLY A 523 -11.59 26.07 37.07
C GLY A 523 -10.36 26.72 36.49
N GLU A 524 -9.19 26.29 36.98
CA GLU A 524 -7.90 26.84 36.59
C GLU A 524 -7.30 26.03 35.46
N ILE A 525 -6.40 26.65 34.72
CA ILE A 525 -5.59 25.92 33.75
C ILE A 525 -4.54 25.24 34.62
N PRO A 526 -4.48 23.91 34.59
CA PRO A 526 -3.45 23.22 35.39
C PRO A 526 -2.02 23.55 35.00
N LYS A 527 -1.15 23.68 36.00
CA LYS A 527 0.25 24.07 35.82
C LYS A 527 0.98 23.07 34.94
N GLU A 528 0.58 21.82 35.06
CA GLU A 528 1.23 20.72 34.34
C GLU A 528 0.99 20.73 32.83
N VAL A 529 0.05 21.53 32.34
CA VAL A 529 -0.04 21.80 30.91
C VAL A 529 1.32 22.24 30.33
N GLY A 530 2.07 23.07 31.06
CA GLY A 530 3.38 23.54 30.60
C GLY A 530 4.56 22.57 30.64
N ILE A 531 4.39 21.44 31.32
CA ILE A 531 5.40 20.40 31.40
C ILE A 531 5.17 19.27 30.38
N LEU A 532 4.11 19.39 29.56
CA LEU A 532 3.81 18.38 28.55
C LEU A 532 4.86 18.52 27.45
N PRO A 533 5.62 17.45 27.19
CA PRO A 533 6.85 17.64 26.40
C PRO A 533 6.69 17.95 24.91
N VAL A 534 5.57 17.63 24.30
CA VAL A 534 5.43 17.83 22.82
C VAL A 534 4.17 18.60 22.43
N LEU A 535 3.60 19.33 23.39
CA LEU A 535 2.41 20.11 23.16
C LEU A 535 2.77 21.33 22.34
N ASN A 536 2.16 21.44 21.17
CA ASN A 536 2.39 22.55 20.24
C ASN A 536 1.11 23.34 19.94
N TYR A 537 -0.03 22.86 20.40
CA TYR A 537 -1.32 23.49 20.11
C TYR A 537 -2.15 23.48 21.36
N LEU A 538 -2.54 24.67 21.82
CA LEU A 538 -3.32 24.78 23.04
C LEU A 538 -4.42 25.80 22.82
N ASP A 539 -5.66 25.34 22.72
CA ASP A 539 -6.79 26.27 22.57
C ASP A 539 -7.83 25.96 23.65
N LEU A 540 -7.91 26.88 24.63
CA LEU A 540 -8.89 26.82 25.73
C LEU A 540 -9.87 27.98 25.65
N SER A 541 -10.04 28.59 24.47
CA SER A 541 -10.78 29.84 24.34
C SER A 541 -12.29 29.60 24.45
N SER A 542 -13.03 30.65 24.76
CA SER A 542 -14.48 30.58 24.81
C SER A 542 -14.93 29.49 25.81
N ASN A 543 -14.43 29.63 27.04
CA ASN A 543 -14.87 28.84 28.17
C ASN A 543 -15.08 29.76 29.37
N GLN A 544 -14.98 29.23 30.59
CA GLN A 544 -15.09 30.02 31.81
C GLN A 544 -13.92 29.72 32.74
N PHE A 545 -12.72 29.56 32.17
CA PHE A 545 -11.52 29.34 32.97
C PHE A 545 -11.24 30.60 33.80
N SER A 546 -10.81 30.37 35.02
CA SER A 546 -10.55 31.46 35.98
C SER A 546 -9.15 31.26 36.58
N GLY A 547 -8.72 32.20 37.42
CA GLY A 547 -7.39 32.16 37.99
C GLY A 547 -6.36 32.63 36.98
N GLU A 548 -5.10 32.40 37.30
CA GLU A 548 -3.97 33.01 36.63
C GLU A 548 -3.46 32.07 35.56
N ILE A 549 -2.82 32.64 34.55
CA ILE A 549 -2.23 31.85 33.49
C ILE A 549 -0.92 31.29 34.06
N PRO A 550 -0.78 29.95 34.12
CA PRO A 550 0.42 29.34 34.72
C PRO A 550 1.70 29.76 34.00
N LEU A 551 2.77 30.00 34.76
CA LEU A 551 4.01 30.50 34.12
C LEU A 551 4.71 29.41 33.28
N GLU A 552 4.46 28.14 33.60
CA GLU A 552 4.96 27.00 32.86
C GLU A 552 4.59 26.97 31.39
N LEU A 553 3.50 27.63 30.97
CA LEU A 553 3.20 27.77 29.54
C LEU A 553 4.34 28.37 28.74
N GLN A 554 5.17 29.17 29.40
CA GLN A 554 6.38 29.75 28.77
C GLN A 554 7.47 28.73 28.42
N ASN A 555 7.32 27.47 28.87
CA ASN A 555 8.21 26.35 28.46
C ASN A 555 7.95 25.85 27.04
N LEU A 556 6.71 25.96 26.61
CA LEU A 556 6.19 25.34 25.42
C LEU A 556 6.55 26.18 24.21
N LYS A 557 6.66 25.54 23.06
CA LYS A 557 6.73 26.27 21.81
C LYS A 557 5.41 26.00 21.12
N LEU A 558 4.52 26.99 21.16
CA LEU A 558 3.14 26.81 20.74
C LEU A 558 2.94 27.45 19.39
N ASN A 559 2.49 26.66 18.43
CA ASN A 559 2.00 27.18 17.16
C ASN A 559 0.70 27.93 17.36
N VAL A 560 -0.14 27.41 18.26
CA VAL A 560 -1.40 28.03 18.63
C VAL A 560 -1.51 28.11 20.15
N LEU A 561 -1.79 29.31 20.65
CA LEU A 561 -2.08 29.57 22.05
C LEU A 561 -3.29 30.48 22.02
N ASN A 562 -4.42 30.01 22.55
CA ASN A 562 -5.60 30.81 22.55
C ASN A 562 -6.33 30.57 23.86
N LEU A 563 -6.31 31.60 24.71
CA LEU A 563 -7.00 31.62 26.00
C LEU A 563 -8.08 32.71 26.05
N SER A 564 -8.47 33.22 24.89
CA SER A 564 -9.42 34.30 24.75
C SER A 564 -10.80 33.91 25.26
N TYR A 565 -11.60 34.91 25.63
CA TYR A 565 -13.00 34.68 26.07
C TYR A 565 -13.15 33.66 27.22
N ASN A 566 -12.53 34.02 28.35
CA ASN A 566 -12.53 33.23 29.58
C ASN A 566 -12.71 34.22 30.72
N HIS A 567 -12.56 33.76 31.96
CA HIS A 567 -12.63 34.62 33.14
C HIS A 567 -11.28 34.68 33.86
N LEU A 568 -10.18 34.75 33.11
CA LEU A 568 -8.82 34.68 33.68
C LEU A 568 -8.42 36.01 34.27
N SER A 569 -7.52 35.95 35.25
CA SER A 569 -7.05 37.15 35.93
C SER A 569 -5.53 37.13 36.17
N GLY A 570 -5.02 38.21 36.74
CA GLY A 570 -3.58 38.39 36.95
C GLY A 570 -2.93 38.93 35.68
N LYS A 571 -1.67 38.59 35.47
CA LYS A 571 -0.91 39.20 34.42
C LYS A 571 -0.65 38.16 33.36
N ILE A 572 -0.45 38.62 32.14
CA ILE A 572 -0.06 37.73 31.06
C ILE A 572 1.40 37.33 31.35
N PRO A 573 1.77 36.05 31.17
CA PRO A 573 3.18 35.71 31.37
C PRO A 573 4.09 36.54 30.46
N PRO A 574 5.27 36.95 30.94
CA PRO A 574 6.10 37.95 30.26
C PRO A 574 6.49 37.59 28.83
N LEU A 575 6.60 36.30 28.54
CA LEU A 575 7.01 35.83 27.22
C LEU A 575 5.99 36.21 26.17
N TYR A 576 4.73 36.33 26.56
CA TYR A 576 3.67 36.70 25.65
C TYR A 576 3.23 38.17 25.76
N ALA A 577 4.05 39.01 26.41
CA ALA A 577 3.74 40.42 26.67
C ALA A 577 3.67 41.27 25.42
N ASN A 578 4.30 40.86 24.34
CA ASN A 578 4.29 41.65 23.12
C ASN A 578 2.91 41.67 22.44
N LYS A 579 2.55 42.82 21.83
CA LYS A 579 1.22 43.06 21.23
C LYS A 579 0.83 42.08 20.11
N ILE A 580 1.80 41.43 19.47
CA ILE A 580 1.52 40.39 18.47
C ILE A 580 0.79 39.17 19.06
N TYR A 581 0.96 38.90 20.36
CA TYR A 581 0.20 37.85 21.06
C TYR A 581 -1.16 38.27 21.63
N ALA A 582 -1.54 39.56 21.53
CA ALA A 582 -2.71 40.10 22.21
C ALA A 582 -3.99 39.33 21.92
N HIS A 583 -4.15 38.91 20.66
CA HIS A 583 -5.34 38.19 20.27
C HIS A 583 -5.43 36.80 20.92
N ASP A 584 -4.36 36.35 21.58
CA ASP A 584 -4.40 35.09 22.32
C ASP A 584 -5.17 35.22 23.64
N PHE A 585 -5.35 36.46 24.13
CA PHE A 585 -5.83 36.76 25.49
C PHE A 585 -7.01 37.72 25.59
N ILE A 586 -7.52 38.20 24.45
CA ILE A 586 -8.71 39.07 24.43
C ILE A 586 -9.91 38.47 25.17
N GLY A 587 -10.79 39.34 25.64
CA GLY A 587 -12.00 38.88 26.31
C GLY A 587 -11.77 38.22 27.66
N ASN A 588 -10.73 38.64 28.38
CA ASN A 588 -10.57 38.26 29.79
C ASN A 588 -10.52 39.53 30.59
N PRO A 589 -11.70 40.05 30.99
CA PRO A 589 -11.74 41.36 31.65
C PRO A 589 -10.75 41.50 32.82
N GLY A 590 -10.57 40.42 33.57
CA GLY A 590 -9.68 40.40 34.72
C GLY A 590 -8.18 40.44 34.48
N LEU A 591 -7.78 40.35 33.21
CA LEU A 591 -6.40 40.12 32.79
C LEU A 591 -5.76 41.43 32.38
N CYS A 592 -4.45 41.55 32.55
CA CYS A 592 -3.77 42.68 31.98
C CYS A 592 -2.34 42.31 31.57
N VAL A 593 -1.66 43.21 30.87
CA VAL A 593 -0.26 43.02 30.42
C VAL A 593 0.57 44.03 31.19
N ASP A 594 1.74 43.61 31.69
CA ASP A 594 2.64 44.53 32.37
C ASP A 594 3.66 45.07 31.36
N LEU A 595 3.58 46.38 31.11
CA LEU A 595 4.42 47.08 30.15
C LEU A 595 4.82 48.41 30.77
N ASP A 596 6.12 48.60 30.97
CA ASP A 596 6.71 49.86 31.40
C ASP A 596 6.32 50.33 32.82
N GLY A 597 5.75 49.44 33.65
CA GLY A 597 5.35 49.79 35.03
C GLY A 597 3.89 49.54 35.36
N LEU A 598 2.99 50.05 34.51
CA LEU A 598 1.54 49.91 34.71
C LEU A 598 1.00 48.64 34.05
N CYS A 599 -0.15 48.15 34.52
CA CYS A 599 -0.85 47.05 33.85
C CYS A 599 -1.96 47.63 32.94
N ARG A 600 -1.87 47.30 31.65
CA ARG A 600 -2.77 47.80 30.60
C ARG A 600 -3.74 46.70 30.15
N LYS A 601 -5.02 47.05 30.00
CA LYS A 601 -6.00 46.13 29.39
C LYS A 601 -5.63 45.95 27.93
N PRO B 1 12.95 -6.06 -2.04
CA PRO B 1 13.25 -6.42 -3.43
C PRO B 1 12.45 -5.58 -4.47
N ILE B 2 12.04 -6.20 -5.56
CA ILE B 2 11.34 -5.52 -6.67
C ILE B 2 9.84 -5.53 -6.38
N PRO B 3 9.08 -4.46 -6.77
CA PRO B 3 7.61 -4.56 -6.60
C PRO B 3 7.04 -5.77 -7.39
N PRO B 4 6.08 -6.53 -6.81
CA PRO B 4 5.53 -7.66 -7.58
C PRO B 4 4.68 -7.16 -8.74
N SER B 5 4.40 -8.05 -9.69
CA SER B 5 3.41 -7.80 -10.70
C SER B 5 2.04 -8.02 -10.06
N ALA B 6 1.41 -6.94 -9.61
CA ALA B 6 0.15 -7.05 -8.85
C ALA B 6 -0.56 -5.70 -8.82
N HYP B 7 -1.83 -5.71 -8.45
CA HYP B 7 -2.54 -4.46 -8.07
C HYP B 7 -1.90 -3.35 -7.27
O HYP B 7 -1.20 -3.65 -6.32
CB HYP B 7 -4.02 -4.79 -7.76
CG HYP B 7 -4.14 -6.21 -8.26
CD HYP B 7 -2.74 -6.83 -8.16
OD1 HYP B 7 -4.50 -6.12 -9.66
N SER B 8 -2.19 -2.07 -7.61
CA SER B 8 -1.73 -0.97 -6.74
C SER B 8 -2.33 -1.14 -5.36
N LYS B 9 -1.52 -0.96 -4.33
CA LYS B 9 -2.00 -1.03 -2.94
C LYS B 9 -2.51 0.32 -2.40
N ARG B 10 -2.43 1.37 -3.20
CA ARG B 10 -2.86 2.68 -2.71
C ARG B 10 -4.34 2.75 -2.34
N HIS B 11 -4.62 3.53 -1.29
CA HIS B 11 -5.94 3.61 -0.72
C HIS B 11 -5.97 4.79 0.26
N ASN B 12 -7.20 5.22 0.57
CA ASN B 12 -7.46 6.26 1.56
C ASN B 12 -7.78 5.63 2.92
C1 NAG C . 16.83 -15.14 1.01
C2 NAG C . 15.36 -15.19 1.39
C3 NAG C . 15.10 -15.01 2.89
C4 NAG C . 16.11 -15.79 3.74
C5 NAG C . 17.53 -15.61 3.23
C6 NAG C . 18.54 -16.49 3.95
C7 NAG C . 13.90 -14.37 -0.39
C8 NAG C . 13.35 -13.14 -1.09
N2 NAG C . 14.73 -14.13 0.62
O3 NAG C . 13.79 -15.51 3.16
O4 NAG C . 16.03 -15.33 5.10
O5 NAG C . 17.59 -16.00 1.86
O6 NAG C . 18.14 -17.86 3.84
O7 NAG C . 13.59 -15.49 -0.73
C1 NAG C . 15.40 -16.27 6.00
C2 NAG C . 15.73 -15.89 7.43
C3 NAG C . 15.19 -16.96 8.39
C4 NAG C . 13.71 -17.26 8.14
C5 NAG C . 13.37 -17.38 6.63
C6 NAG C . 11.86 -17.34 6.42
C7 NAG C . 17.82 -14.59 7.57
C8 NAG C . 19.29 -14.67 7.81
N2 NAG C . 17.15 -15.75 7.64
O3 NAG C . 15.35 -16.51 9.73
O4 NAG C . 13.41 -18.48 8.82
O5 NAG C . 13.98 -16.34 5.87
O6 NAG C . 11.55 -17.70 5.07
O7 NAG C . 17.27 -13.53 7.34
C1 NAG D . 23.45 -1.97 -5.69
C2 NAG D . 24.63 -1.81 -4.73
C3 NAG D . 24.17 -1.28 -3.37
C4 NAG D . 23.22 -0.09 -3.41
C5 NAG D . 22.19 -0.30 -4.54
C6 NAG D . 21.27 0.91 -4.75
C7 NAG D . 26.56 -3.31 -4.96
C8 NAG D . 27.10 -4.66 -4.62
N2 NAG D . 25.33 -3.05 -4.52
O3 NAG D . 25.37 -0.95 -2.67
O4 NAG D . 22.50 -0.05 -2.16
O5 NAG D . 22.86 -0.66 -5.77
O6 NAG D . 22.04 2.00 -5.27
O7 NAG D . 27.23 -2.51 -5.60
C1 NAG D . 22.75 1.05 -1.24
C2 NAG D . 24.17 1.06 -0.62
C3 NAG D . 24.23 2.15 0.47
C4 NAG D . 23.53 3.47 0.13
C5 NAG D . 22.31 3.37 -0.82
C6 NAG D . 22.08 4.69 -1.56
C7 NAG D . 25.64 -0.80 0.31
C8 NAG D . 26.95 -0.06 0.15
N2 NAG D . 24.45 -0.27 -0.05
O3 NAG D . 25.59 2.50 0.74
O4 NAG D . 23.14 4.08 1.38
O5 NAG D . 22.49 2.33 -1.80
O6 NAG D . 20.95 4.62 -2.44
O7 NAG D . 25.68 -1.94 0.77
C1 NAG E . 4.22 6.86 -11.72
C2 NAG E . 4.85 7.31 -10.42
C3 NAG E . 6.17 8.07 -10.57
C4 NAG E . 7.12 7.39 -11.55
C5 NAG E . 6.35 7.07 -12.83
C6 NAG E . 7.15 6.34 -13.89
C7 NAG E . 3.21 7.78 -8.69
C8 NAG E . 2.32 8.84 -8.12
N2 NAG E . 3.92 8.17 -9.74
O3 NAG E . 6.75 8.14 -9.26
O4 NAG E . 8.22 8.28 -11.83
O5 NAG E . 5.25 6.24 -12.50
O6 NAG E . 6.45 6.51 -15.13
O7 NAG E . 3.31 6.66 -8.22
C1 NAG E . 9.48 7.80 -11.29
C2 NAG E . 10.66 8.39 -12.09
C3 NAG E . 12.00 8.28 -11.36
C4 NAG E . 11.92 8.45 -9.84
C5 NAG E . 10.77 7.60 -9.29
C6 NAG E . 10.60 7.62 -7.78
C7 NAG E . 10.46 8.20 -14.56
C8 NAG E . 10.65 7.27 -15.73
N2 NAG E . 10.78 7.69 -13.37
O3 NAG E . 12.89 9.25 -11.90
O4 NAG E . 13.17 8.07 -9.22
O5 NAG E . 9.58 8.10 -9.90
O6 NAG E . 10.06 8.88 -7.37
O7 NAG E . 10.00 9.34 -14.72
C1 BMA E . 14.02 9.15 -8.78
C2 BMA E . 14.87 8.69 -7.57
C3 BMA E . 16.24 9.37 -7.49
C4 BMA E . 16.27 10.77 -8.10
C5 BMA E . 15.56 10.88 -9.47
C6 BMA E . 16.54 11.23 -10.60
O2 BMA E . 15.04 7.26 -7.60
O3 BMA E . 17.24 8.55 -8.15
O4 BMA E . 15.66 11.67 -7.17
O5 BMA E . 14.88 9.66 -9.82
O6 BMA E . 15.83 11.43 -11.82
C1 MAN E . 18.15 7.89 -7.25
C2 MAN E . 19.37 8.80 -7.05
C3 MAN E . 20.64 8.00 -6.70
C4 MAN E . 20.27 6.71 -5.96
C5 MAN E . 19.41 5.82 -6.89
C6 MAN E . 18.59 4.78 -6.11
O2 MAN E . 19.08 9.76 -6.02
O3 MAN E . 21.57 8.80 -5.95
O4 MAN E . 21.44 6.00 -5.53
O5 MAN E . 18.54 6.60 -7.74
O6 MAN E . 18.67 3.49 -6.76
C1 NAG F . -9.21 32.45 19.59
C2 NAG F . -9.01 33.02 18.18
C3 NAG F . -10.21 33.86 17.75
C4 NAG F . -11.52 33.11 17.97
C5 NAG F . -11.59 32.59 19.39
C6 NAG F . -12.88 31.78 19.59
C7 NAG F . -6.67 33.47 17.55
C8 NAG F . -5.57 34.49 17.56
N2 NAG F . -7.82 33.85 18.11
O3 NAG F . -10.11 34.18 16.36
O4 NAG F . -12.63 34.01 17.73
O5 NAG F . -10.46 31.76 19.64
O6 NAG F . -12.81 31.07 20.84
O7 NAG F . -6.49 32.37 17.05
C1 NAG F . -13.55 33.50 16.75
C2 NAG F . -14.86 34.27 16.87
C3 NAG F . -15.85 33.82 15.80
C4 NAG F . -15.24 33.94 14.41
C5 NAG F . -13.87 33.24 14.34
C6 NAG F . -13.15 33.57 13.04
C7 NAG F . -15.54 35.08 19.11
C8 NAG F . -16.14 34.67 20.43
N2 NAG F . -15.43 34.09 18.20
O3 NAG F . -17.04 34.60 15.86
O4 NAG F . -16.15 33.38 13.46
O5 NAG F . -13.01 33.60 15.43
O6 NAG F . -12.87 32.34 12.34
O7 NAG F . -15.17 36.23 18.89
C1 NAG G . 32.68 -10.26 -2.73
C2 NAG G . 33.81 -9.25 -2.98
C3 NAG G . 34.96 -9.55 -2.01
C4 NAG G . 34.47 -9.29 -0.58
C5 NAG G . 33.30 -10.25 -0.32
C6 NAG G . 32.67 -10.08 1.07
C7 NAG G . 33.99 -8.19 -5.19
C8 NAG G . 34.54 -8.28 -6.58
N2 NAG G . 34.26 -9.22 -4.36
O3 NAG G . 36.12 -8.77 -2.34
O4 NAG G . 35.53 -9.47 0.38
O5 NAG G . 32.29 -10.10 -1.34
O6 NAG G . 31.71 -9.02 1.13
O7 NAG G . 33.33 -7.23 -4.85
C1 NAG H . 16.59 -10.22 -35.42
C2 NAG H . 16.51 -10.63 -36.91
C3 NAG H . 16.77 -9.43 -37.83
C4 NAG H . 16.05 -8.16 -37.37
C5 NAG H . 16.39 -7.87 -35.91
C6 NAG H . 15.78 -6.59 -35.35
C7 NAG H . 17.33 -12.99 -36.88
C8 NAG H . 18.46 -13.90 -37.28
N2 NAG H . 17.47 -11.70 -37.21
O3 NAG H . 16.37 -9.80 -39.16
O4 NAG H . 16.38 -7.04 -38.20
O5 NAG H . 15.92 -8.98 -35.13
O6 NAG H . 14.34 -6.58 -35.49
O7 NAG H . 16.36 -13.44 -36.29
C1 NAG I . -15.67 -10.30 -26.20
C2 NAG I . -14.94 -11.54 -26.75
C3 NAG I . -14.06 -11.16 -27.95
C4 NAG I . -14.88 -10.41 -29.01
C5 NAG I . -15.66 -9.23 -28.42
C6 NAG I . -16.70 -8.74 -29.42
C7 NAG I . -14.40 -13.35 -25.13
C8 NAG I . -13.45 -13.80 -24.03
N2 NAG I . -14.13 -12.15 -25.69
O3 NAG I . -13.49 -12.33 -28.56
O4 NAG I . -13.98 -9.95 -30.03
O5 NAG I . -16.38 -9.59 -27.23
O6 NAG I . -17.39 -7.63 -28.84
O7 NAG I . -15.35 -14.03 -25.45
MG MG J . -25.38 -3.99 -15.63
MG MG K . -12.84 14.28 13.19
C1 EDO L . -0.97 2.33 1.01
O1 EDO L . 0.17 1.60 0.51
C2 EDO L . -0.72 3.86 1.02
O2 EDO L . -1.54 4.50 0.02
#